data_8ZLG
#
_entry.id   8ZLG
#
_cell.length_a   115.101
_cell.length_b   115.101
_cell.length_c   107.712
_cell.angle_alpha   90.000
_cell.angle_beta   90.000
_cell.angle_gamma   90.000
#
_symmetry.space_group_name_H-M   'I 41'
#
loop_
_entity.id
_entity.type
_entity.pdbx_description
1 polymer 'Endo-beta-1, 4-glucanase'
2 non-polymer 2-acetamido-2-deoxy-beta-D-glucopyranose
3 water water
#
_entity_poly.entity_id   1
_entity_poly.type   'polypeptide(L)'
_entity_poly.pdbx_seq_one_letter_code
;APTNSKTKRNKKMRFAGVNESGAEFGSDNIPGVYGTDYTWYNTTAMGEFISQGMNIFRLNLLMERLVPNTMTGPMNADYL
GNLTKDVNYVTDKGAYAMITPHNYGRYYGNIINSTSDFEAFWKTVAGAFKDNDLVMFDTNNEYYGMAGQLVADLNQAAIN
GIRAAGATSQYVNVEGNSYTGAWTWTTAEGTDGLTNAQTMGNLTDPEDKILYHMHQYLDSDGSGTSSTCVNSTIGATRLM
DATAWLKSNNKIAILGEYAGAVNSVCEEAVEGMLDYIDENSDVWTGAIWWAAGPWWGDYMFSVEPDNGPAYSTYDPIILE
YS
;
_entity_poly.pdbx_strand_id   A,B
#
loop_
_chem_comp.id
_chem_comp.type
_chem_comp.name
_chem_comp.formula
NAG D-saccharide, beta linking 2-acetamido-2-deoxy-beta-D-glucopyranose 'C8 H15 N O6'
#
# COMPACT_ATOMS: atom_id res chain seq x y z
N LYS A 8 8.61 -19.23 -9.14
CA LYS A 8 7.93 -18.76 -10.33
C LYS A 8 6.66 -17.97 -9.98
N ARG A 9 6.15 -18.16 -8.75
CA ARG A 9 4.76 -17.84 -8.43
C ARG A 9 4.59 -16.68 -7.45
N ASN A 10 5.51 -15.72 -7.45
CA ASN A 10 5.49 -14.71 -6.39
C ASN A 10 4.98 -13.35 -6.85
N LYS A 11 5.43 -12.84 -8.01
CA LYS A 11 5.13 -11.47 -8.39
C LYS A 11 3.67 -11.36 -8.84
N LYS A 12 2.96 -12.51 -8.91
CA LYS A 12 1.51 -12.65 -9.05
C LYS A 12 0.78 -12.72 -7.72
N MET A 13 1.50 -12.55 -6.63
CA MET A 13 0.95 -12.56 -5.28
C MET A 13 1.35 -11.28 -4.56
N ARG A 14 0.40 -10.74 -3.80
CA ARG A 14 0.73 -9.66 -2.87
C ARG A 14 1.77 -10.08 -1.84
N PHE A 15 1.65 -11.30 -1.30
CA PHE A 15 2.48 -11.78 -0.21
C PHE A 15 2.98 -13.18 -0.52
N ALA A 16 4.30 -13.34 -0.68
CA ALA A 16 4.91 -14.66 -0.83
C ALA A 16 6.07 -14.79 0.14
N GLY A 17 6.15 -15.92 0.84
CA GLY A 17 7.19 -16.08 1.85
C GLY A 17 7.16 -17.38 2.63
N VAL A 18 7.63 -17.34 3.88
CA VAL A 18 7.86 -18.56 4.63
C VAL A 18 7.45 -18.36 6.08
N ASN A 19 7.03 -19.46 6.71
CA ASN A 19 6.91 -19.48 8.16
C ASN A 19 8.31 -19.54 8.77
N GLU A 20 8.49 -18.84 9.89
CA GLU A 20 9.65 -19.01 10.76
C GLU A 20 9.15 -19.67 12.04
N SER A 21 9.59 -20.90 12.25
CA SER A 21 9.11 -21.74 13.35
C SER A 21 10.32 -22.14 14.20
N GLY A 22 10.16 -22.05 15.51
CA GLY A 22 11.24 -22.33 16.44
C GLY A 22 11.13 -21.63 17.79
N ALA A 23 10.60 -20.40 17.83
CA ALA A 23 10.44 -19.70 19.10
C ALA A 23 9.28 -20.20 19.92
N GLU A 24 8.44 -21.06 19.34
CA GLU A 24 7.31 -21.66 20.04
C GLU A 24 7.59 -23.09 20.43
N PHE A 25 8.79 -23.62 20.17
CA PHE A 25 9.07 -25.03 20.37
C PHE A 25 9.12 -25.36 21.87
N GLY A 26 8.98 -26.65 22.17
CA GLY A 26 9.12 -27.11 23.53
C GLY A 26 8.11 -26.55 24.52
N SER A 27 6.83 -26.55 24.15
CA SER A 27 5.81 -25.89 24.96
C SER A 27 5.48 -26.61 26.27
N ASP A 28 6.13 -27.76 26.58
CA ASP A 28 5.93 -28.44 27.86
C ASP A 28 6.48 -27.57 28.95
N ASN A 29 7.45 -26.80 28.55
CA ASN A 29 8.36 -26.09 29.40
C ASN A 29 8.05 -24.63 29.14
N ILE A 30 7.24 -24.06 29.99
CA ILE A 30 6.99 -22.62 29.96
C ILE A 30 7.38 -22.10 31.32
N PRO A 31 8.26 -21.09 31.43
CA PRO A 31 8.81 -20.29 30.32
C PRO A 31 9.75 -21.01 29.35
N GLY A 32 10.40 -22.07 29.79
CA GLY A 32 11.39 -22.75 28.96
C GLY A 32 12.67 -21.93 28.89
N VAL A 33 13.66 -22.49 28.18
CA VAL A 33 14.98 -21.90 28.18
C VAL A 33 15.49 -21.81 26.75
N TYR A 34 15.85 -20.59 26.33
CA TYR A 34 16.50 -20.37 25.05
C TYR A 34 17.70 -21.28 24.88
N GLY A 35 17.80 -21.87 23.69
CA GLY A 35 18.89 -22.75 23.36
C GLY A 35 18.64 -24.19 23.72
N THR A 36 17.70 -24.45 24.63
CA THR A 36 17.30 -25.79 25.02
C THR A 36 15.91 -26.14 24.51
N ASP A 37 14.94 -25.31 24.83
CA ASP A 37 13.56 -25.55 24.43
C ASP A 37 13.13 -24.77 23.20
N TYR A 38 13.67 -23.59 22.96
CA TYR A 38 13.29 -22.81 21.80
C TYR A 38 14.47 -21.97 21.34
N THR A 39 14.31 -21.40 20.16
CA THR A 39 15.30 -20.50 19.59
C THR A 39 14.56 -19.43 18.82
N TRP A 40 15.28 -18.37 18.44
CA TRP A 40 14.75 -17.38 17.52
C TRP A 40 15.33 -17.60 16.13
N TYR A 41 15.17 -16.63 15.24
CA TYR A 41 15.33 -16.90 13.82
C TYR A 41 16.69 -16.44 13.31
N ASN A 42 17.09 -17.06 12.20
CA ASN A 42 18.39 -16.83 11.58
C ASN A 42 18.24 -15.66 10.62
N THR A 43 18.60 -14.45 11.09
CA THR A 43 18.42 -13.25 10.25
C THR A 43 19.11 -13.42 8.91
N THR A 44 20.24 -14.12 8.88
CA THR A 44 20.94 -14.31 7.61
C THR A 44 20.07 -15.08 6.62
N ALA A 45 19.48 -16.20 7.06
CA ALA A 45 18.60 -16.97 6.18
C ALA A 45 17.40 -16.15 5.73
N MET A 46 16.81 -15.37 6.65
CA MET A 46 15.71 -14.49 6.28
C MET A 46 16.15 -13.44 5.27
N GLY A 47 17.37 -12.95 5.42
CA GLY A 47 17.90 -11.99 4.46
C GLY A 47 18.05 -12.58 3.07
N GLU A 48 18.41 -13.87 2.99
CA GLU A 48 18.50 -14.54 1.70
C GLU A 48 17.12 -14.64 1.05
N PHE A 49 16.12 -15.07 1.81
CA PHE A 49 14.75 -15.12 1.32
C PHE A 49 14.29 -13.75 0.83
N ILE A 50 14.63 -12.67 1.56
CA ILE A 50 14.20 -11.34 1.14
C ILE A 50 14.88 -10.94 -0.17
N SER A 51 16.19 -11.17 -0.27
CA SER A 51 16.90 -10.79 -1.49
C SER A 51 16.50 -11.64 -2.68
N GLN A 52 15.94 -12.83 -2.44
CA GLN A 52 15.37 -13.65 -3.50
C GLN A 52 14.03 -13.12 -4.01
N GLY A 53 13.32 -12.32 -3.22
CA GLY A 53 12.04 -11.78 -3.65
C GLY A 53 10.86 -12.10 -2.75
N MET A 54 11.03 -12.95 -1.76
CA MET A 54 9.98 -13.18 -0.78
C MET A 54 9.74 -11.92 0.05
N ASN A 55 8.48 -11.71 0.45
CA ASN A 55 8.20 -10.48 1.19
C ASN A 55 7.30 -10.69 2.42
N ILE A 56 7.18 -11.91 2.93
CA ILE A 56 6.40 -12.07 4.15
C ILE A 56 6.99 -13.24 4.95
N PHE A 57 7.08 -13.04 6.26
CA PHE A 57 7.60 -14.05 7.16
C PHE A 57 6.61 -14.18 8.30
N ARG A 58 6.10 -15.38 8.51
CA ARG A 58 5.16 -15.63 9.59
C ARG A 58 5.98 -16.08 10.82
N LEU A 59 6.15 -15.16 11.77
CA LEU A 59 7.03 -15.39 12.91
C LEU A 59 6.22 -16.00 14.05
N ASN A 60 6.44 -17.29 14.31
CA ASN A 60 5.67 -18.01 15.31
C ASN A 60 6.29 -17.84 16.69
N LEU A 61 5.43 -17.73 17.70
CA LEU A 61 5.85 -17.57 19.08
C LEU A 61 4.81 -18.20 20.01
N LEU A 62 5.12 -18.22 21.31
CA LEU A 62 4.26 -18.80 22.31
C LEU A 62 3.66 -17.70 23.19
N MET A 63 2.32 -17.67 23.30
CA MET A 63 1.68 -16.61 24.08
C MET A 63 2.27 -16.51 25.47
N GLU A 64 2.46 -17.64 26.14
CA GLU A 64 2.80 -17.63 27.55
C GLU A 64 4.20 -17.10 27.79
N ARG A 65 5.07 -17.15 26.78
CA ARG A 65 6.41 -16.59 26.91
C ARG A 65 6.42 -15.10 26.65
N LEU A 66 5.57 -14.63 25.73
CA LEU A 66 5.44 -13.20 25.47
C LEU A 66 4.72 -12.50 26.62
N VAL A 67 3.65 -13.10 27.13
CA VAL A 67 2.88 -12.54 28.23
C VAL A 67 2.68 -13.62 29.30
N PRO A 68 3.55 -13.73 30.30
CA PRO A 68 3.42 -14.81 31.29
C PRO A 68 2.25 -14.59 32.25
N ASN A 69 1.86 -15.69 32.92
CA ASN A 69 0.96 -15.70 34.08
C ASN A 69 -0.51 -15.52 33.70
N THR A 70 -0.88 -14.32 33.30
CA THR A 70 -2.22 -14.05 32.80
C THR A 70 -2.16 -13.26 31.50
N MET A 71 -3.21 -13.43 30.70
CA MET A 71 -3.32 -12.76 29.41
C MET A 71 -3.43 -11.25 29.56
N THR A 72 -3.80 -10.77 30.75
CA THR A 72 -3.90 -9.34 31.05
C THR A 72 -2.59 -8.77 31.59
N GLY A 73 -1.54 -9.58 31.72
CA GLY A 73 -0.32 -9.11 32.32
C GLY A 73 0.56 -8.36 31.35
N PRO A 74 1.67 -7.82 31.86
CA PRO A 74 2.66 -7.20 30.99
C PRO A 74 3.50 -8.28 30.30
N MET A 75 4.22 -7.82 29.29
CA MET A 75 5.02 -8.70 28.46
C MET A 75 6.37 -9.03 29.14
N ASN A 76 6.95 -10.14 28.73
CA ASN A 76 8.34 -10.40 29.09
C ASN A 76 9.21 -9.64 28.12
N ALA A 77 10.09 -8.78 28.65
CA ALA A 77 10.84 -7.86 27.82
C ALA A 77 11.93 -8.56 27.02
N ASP A 78 12.52 -9.64 27.54
CA ASP A 78 13.57 -10.31 26.78
C ASP A 78 12.97 -11.04 25.58
N TYR A 79 11.90 -11.81 25.79
CA TYR A 79 11.21 -12.48 24.69
C TYR A 79 10.68 -11.47 23.68
N LEU A 80 9.97 -10.46 24.17
CA LEU A 80 9.52 -9.38 23.28
C LEU A 80 10.70 -8.74 22.59
N GLY A 81 11.83 -8.62 23.31
CA GLY A 81 13.00 -8.03 22.70
C GLY A 81 13.45 -8.79 21.47
N ASN A 82 13.53 -10.12 21.59
CA ASN A 82 13.99 -10.92 20.45
C ASN A 82 12.97 -10.92 19.33
N LEU A 83 11.67 -10.93 19.66
CA LEU A 83 10.65 -10.77 18.64
C LEU A 83 10.88 -9.50 17.83
N THR A 84 11.03 -8.37 18.53
CA THR A 84 11.23 -7.08 17.88
C THR A 84 12.51 -7.09 17.02
N LYS A 85 13.56 -7.75 17.50
CA LYS A 85 14.79 -7.82 16.72
C LYS A 85 14.55 -8.54 15.40
N ASP A 86 13.85 -9.67 15.43
CA ASP A 86 13.60 -10.40 14.19
C ASP A 86 12.62 -9.66 13.31
N VAL A 87 11.57 -9.06 13.90
CA VAL A 87 10.62 -8.26 13.13
C VAL A 87 11.35 -7.11 12.43
N ASN A 88 12.20 -6.40 13.16
CA ASN A 88 12.81 -5.20 12.59
C ASN A 88 13.76 -5.56 11.46
N TYR A 89 14.45 -6.70 11.56
CA TYR A 89 15.33 -7.10 10.47
C TYR A 89 14.56 -7.24 9.18
N VAL A 90 13.33 -7.76 9.28
CA VAL A 90 12.50 -8.01 8.12
C VAL A 90 11.81 -6.72 7.66
N THR A 91 11.19 -5.98 8.58
CA THR A 91 10.42 -4.82 8.13
C THR A 91 11.32 -3.67 7.68
N ASP A 92 12.51 -3.53 8.27
CA ASP A 92 13.45 -2.50 7.82
C ASP A 92 13.87 -2.73 6.37
N LYS A 93 13.69 -3.93 5.86
CA LYS A 93 14.04 -4.24 4.49
C LYS A 93 12.81 -4.27 3.58
N GLY A 94 11.65 -3.84 4.08
CA GLY A 94 10.46 -3.73 3.28
C GLY A 94 9.59 -4.96 3.23
N ALA A 95 9.95 -6.02 3.93
CA ALA A 95 9.13 -7.22 3.93
C ALA A 95 8.19 -7.19 5.13
N TYR A 96 7.10 -7.96 5.02
CA TYR A 96 6.08 -7.99 6.06
C TYR A 96 6.43 -9.01 7.14
N ALA A 97 6.21 -8.63 8.41
CA ALA A 97 6.43 -9.52 9.55
C ALA A 97 5.12 -9.82 10.25
N MET A 98 4.65 -11.08 10.15
CA MET A 98 3.40 -11.48 10.78
C MET A 98 3.70 -12.08 12.15
N ILE A 99 3.09 -11.51 13.19
CA ILE A 99 3.27 -11.93 14.57
C ILE A 99 2.23 -13.02 14.86
N THR A 100 2.69 -14.24 15.14
CA THR A 100 1.78 -15.39 15.27
C THR A 100 1.93 -16.12 16.60
N PRO A 101 1.00 -15.92 17.54
CA PRO A 101 1.00 -16.80 18.73
C PRO A 101 0.54 -18.19 18.36
N HIS A 102 1.47 -19.14 18.46
CA HIS A 102 1.28 -20.51 18.01
C HIS A 102 0.70 -21.35 19.17
N ASN A 103 -0.57 -21.07 19.50
CA ASN A 103 -1.17 -21.58 20.72
C ASN A 103 -2.47 -22.40 20.56
N TYR A 104 -3.04 -22.49 19.35
CA TYR A 104 -4.19 -23.36 19.08
C TYR A 104 -5.38 -22.99 19.97
N GLY A 105 -5.54 -21.69 20.25
CA GLY A 105 -6.65 -21.25 21.08
C GLY A 105 -6.52 -21.64 22.54
N ARG A 106 -5.32 -21.98 23.00
CA ARG A 106 -5.13 -22.50 24.35
C ARG A 106 -4.03 -21.73 25.09
N TYR A 107 -4.29 -21.41 26.36
CA TYR A 107 -3.37 -20.66 27.19
C TYR A 107 -3.06 -21.49 28.44
N TYR A 108 -1.78 -21.81 28.64
CA TYR A 108 -1.36 -22.83 29.61
C TYR A 108 -2.22 -24.09 29.51
N GLY A 109 -2.43 -24.56 28.29
CA GLY A 109 -3.15 -25.79 28.04
C GLY A 109 -4.66 -25.67 27.97
N ASN A 110 -5.23 -24.64 28.58
CA ASN A 110 -6.67 -24.50 28.69
C ASN A 110 -7.20 -23.67 27.55
N ILE A 111 -8.36 -24.08 27.01
CA ILE A 111 -9.01 -23.31 25.95
C ILE A 111 -9.21 -21.89 26.49
N ILE A 112 -8.92 -20.89 25.66
CA ILE A 112 -9.07 -19.49 26.02
C ILE A 112 -10.56 -19.21 25.96
N ASN A 113 -11.21 -19.12 27.10
CA ASN A 113 -12.66 -19.04 27.02
C ASN A 113 -13.16 -17.61 27.16
N SER A 114 -12.26 -16.76 27.61
CA SER A 114 -12.52 -15.37 27.90
C SER A 114 -12.11 -14.53 26.71
N THR A 115 -13.11 -14.02 25.96
CA THR A 115 -12.79 -13.03 24.94
C THR A 115 -12.16 -11.78 25.54
N SER A 116 -12.48 -11.42 26.79
CA SER A 116 -11.88 -10.20 27.34
C SER A 116 -10.39 -10.40 27.66
N ASP A 117 -10.02 -11.59 28.17
CA ASP A 117 -8.59 -11.94 28.28
C ASP A 117 -7.89 -11.81 26.94
N PHE A 118 -8.52 -12.33 25.87
CA PHE A 118 -7.90 -12.28 24.55
C PHE A 118 -7.72 -10.84 24.08
N GLU A 119 -8.76 -10.00 24.23
CA GLU A 119 -8.61 -8.61 23.83
C GLU A 119 -7.51 -7.91 24.62
N ALA A 120 -7.42 -8.19 25.92
CA ALA A 120 -6.34 -7.63 26.72
C ALA A 120 -4.97 -8.08 26.20
N PHE A 121 -4.84 -9.37 25.87
CA PHE A 121 -3.57 -9.84 25.34
C PHE A 121 -3.20 -9.08 24.08
N TRP A 122 -4.15 -8.96 23.16
CA TRP A 122 -3.84 -8.38 21.86
C TRP A 122 -3.66 -6.88 21.94
N LYS A 123 -4.40 -6.19 22.82
CA LYS A 123 -4.12 -4.78 23.03
C LYS A 123 -2.70 -4.58 23.53
N THR A 124 -2.21 -5.50 24.36
CA THR A 124 -0.84 -5.42 24.85
C THR A 124 0.17 -5.69 23.74
N VAL A 125 0.00 -6.78 23.00
CA VAL A 125 1.01 -7.09 22.00
C VAL A 125 1.01 -6.04 20.90
N ALA A 126 -0.17 -5.56 20.50
CA ALA A 126 -0.25 -4.58 19.43
C ALA A 126 0.37 -3.23 19.81
N GLY A 127 0.25 -2.83 21.09
CA GLY A 127 0.87 -1.60 21.53
C GLY A 127 2.36 -1.54 21.28
N ALA A 128 3.04 -2.68 21.37
CA ALA A 128 4.48 -2.79 21.14
C ALA A 128 4.86 -2.60 19.67
N PHE A 129 3.90 -2.65 18.75
CA PHE A 129 4.24 -2.60 17.34
C PHE A 129 3.34 -1.67 16.55
N LYS A 130 2.61 -0.77 17.24
CA LYS A 130 1.51 -0.04 16.61
C LYS A 130 1.98 0.88 15.48
N ASP A 131 3.25 1.27 15.45
CA ASP A 131 3.72 2.22 14.46
C ASP A 131 4.46 1.55 13.32
N ASN A 132 4.55 0.23 13.34
CA ASN A 132 5.18 -0.52 12.27
C ASN A 132 4.11 -0.95 11.27
N ASP A 133 4.08 -0.29 10.10
CA ASP A 133 3.09 -0.55 9.07
C ASP A 133 3.34 -1.86 8.33
N LEU A 134 4.51 -2.46 8.48
CA LEU A 134 4.83 -3.73 7.83
C LEU A 134 4.60 -4.92 8.75
N VAL A 135 4.01 -4.69 9.91
CA VAL A 135 3.65 -5.76 10.82
C VAL A 135 2.25 -6.21 10.51
N MET A 136 2.04 -7.52 10.52
CA MET A 136 0.72 -8.14 10.52
C MET A 136 0.50 -8.86 11.85
N PHE A 137 -0.74 -8.85 12.33
CA PHE A 137 -1.10 -9.58 13.55
C PHE A 137 -1.96 -10.79 13.21
N ASP A 138 -1.57 -11.96 13.74
CA ASP A 138 -2.23 -13.23 13.44
C ASP A 138 -2.88 -13.72 14.74
N THR A 139 -4.22 -13.66 14.83
CA THR A 139 -4.86 -13.70 16.14
C THR A 139 -4.44 -14.93 16.95
N ASN A 140 -4.40 -16.10 16.32
CA ASN A 140 -3.90 -17.31 16.97
C ASN A 140 -3.80 -18.41 15.90
N ASN A 141 -2.81 -19.29 16.03
CA ASN A 141 -2.59 -20.36 15.06
C ASN A 141 -3.53 -21.54 15.34
N GLU A 142 -4.40 -21.87 14.38
CA GLU A 142 -5.14 -23.13 14.31
C GLU A 142 -5.93 -23.40 15.59
N TYR A 143 -6.95 -22.58 15.81
CA TYR A 143 -8.02 -22.94 16.75
C TYR A 143 -8.55 -24.33 16.39
N TYR A 144 -8.86 -25.13 17.42
CA TYR A 144 -9.40 -26.46 17.20
C TYR A 144 -10.13 -26.91 18.46
N GLY A 145 -11.04 -27.88 18.28
CA GLY A 145 -11.76 -28.49 19.40
C GLY A 145 -12.58 -27.52 20.22
N MET A 146 -13.04 -26.44 19.61
CA MET A 146 -13.77 -25.40 20.32
C MET A 146 -15.11 -25.13 19.65
N ALA A 147 -15.90 -24.28 20.31
CA ALA A 147 -17.14 -23.83 19.71
C ALA A 147 -16.84 -22.82 18.59
N GLY A 148 -17.49 -23.00 17.44
CA GLY A 148 -17.30 -22.09 16.33
C GLY A 148 -17.60 -20.63 16.66
N GLN A 149 -18.56 -20.39 17.54
CA GLN A 149 -18.92 -19.01 17.86
C GLN A 149 -17.86 -18.35 18.74
N LEU A 150 -17.29 -19.10 19.70
CA LEU A 150 -16.22 -18.56 20.54
C LEU A 150 -14.99 -18.21 19.71
N VAL A 151 -14.68 -19.03 18.71
CA VAL A 151 -13.53 -18.76 17.86
C VAL A 151 -13.72 -17.46 17.09
N ALA A 152 -14.90 -17.29 16.48
CA ALA A 152 -15.25 -16.01 15.86
C ALA A 152 -15.15 -14.87 16.87
N ASP A 153 -15.74 -15.06 18.06
CA ASP A 153 -15.74 -14.00 19.07
C ASP A 153 -14.33 -13.70 19.56
N LEU A 154 -13.48 -14.73 19.68
CA LEU A 154 -12.09 -14.47 20.04
C LEU A 154 -11.40 -13.65 18.95
N ASN A 155 -11.59 -14.04 17.68
CA ASN A 155 -11.04 -13.25 16.58
C ASN A 155 -11.54 -11.81 16.62
N GLN A 156 -12.84 -11.61 16.92
CA GLN A 156 -13.37 -10.25 16.97
C GLN A 156 -12.77 -9.48 18.13
N ALA A 157 -12.61 -10.16 19.28
CA ALA A 157 -11.98 -9.55 20.43
C ALA A 157 -10.54 -9.14 20.13
N ALA A 158 -9.86 -9.88 19.26
CA ALA A 158 -8.48 -9.53 18.94
C ALA A 158 -8.41 -8.27 18.09
N ILE A 159 -9.24 -8.19 17.03
CA ILE A 159 -9.31 -6.97 16.22
C ILE A 159 -9.58 -5.76 17.11
N ASN A 160 -10.58 -5.86 17.98
CA ASN A 160 -10.93 -4.75 18.85
C ASN A 160 -9.77 -4.39 19.77
N GLY A 161 -9.07 -5.38 20.31
CA GLY A 161 -7.91 -5.09 21.14
C GLY A 161 -6.81 -4.39 20.35
N ILE A 162 -6.56 -4.86 19.14
CA ILE A 162 -5.47 -4.35 18.33
C ILE A 162 -5.71 -2.88 17.97
N ARG A 163 -6.91 -2.57 17.50
CA ARG A 163 -7.21 -1.19 17.13
C ARG A 163 -7.30 -0.31 18.36
N ALA A 164 -7.72 -0.86 19.49
CA ALA A 164 -7.81 -0.03 20.69
C ALA A 164 -6.43 0.42 21.16
N ALA A 165 -5.41 -0.40 20.96
CA ALA A 165 -4.04 -0.01 21.24
C ALA A 165 -3.53 1.07 20.28
N GLY A 166 -4.24 1.34 19.19
CA GLY A 166 -3.80 2.32 18.23
C GLY A 166 -3.06 1.77 17.05
N ALA A 167 -3.01 0.45 16.92
CA ALA A 167 -2.36 -0.21 15.77
C ALA A 167 -3.42 -0.31 14.69
N THR A 168 -3.49 0.75 13.87
CA THR A 168 -4.56 0.97 12.90
C THR A 168 -4.13 0.71 11.47
N SER A 169 -2.85 0.55 11.21
CA SER A 169 -2.39 0.40 9.84
C SER A 169 -2.20 -1.05 9.43
N GLN A 170 -2.21 -1.98 10.38
CA GLN A 170 -1.82 -3.36 10.15
C GLN A 170 -3.00 -4.23 9.74
N TYR A 171 -2.74 -5.19 8.86
CA TYR A 171 -3.72 -6.24 8.58
C TYR A 171 -3.78 -7.20 9.75
N VAL A 172 -5.00 -7.61 10.12
CA VAL A 172 -5.23 -8.60 11.17
C VAL A 172 -5.62 -9.90 10.50
N ASN A 173 -4.79 -10.93 10.67
CA ASN A 173 -5.07 -12.24 10.09
C ASN A 173 -5.99 -13.00 11.04
N VAL A 174 -7.21 -13.31 10.61
CA VAL A 174 -8.18 -14.04 11.44
C VAL A 174 -8.24 -15.48 10.95
N GLU A 175 -8.20 -16.41 11.89
CA GLU A 175 -8.07 -17.84 11.61
C GLU A 175 -9.32 -18.55 12.09
N GLY A 176 -9.75 -19.56 11.34
CA GLY A 176 -10.93 -20.32 11.72
C GLY A 176 -10.66 -21.38 12.76
N ASN A 177 -11.75 -21.97 13.25
CA ASN A 177 -11.74 -23.21 14.02
C ASN A 177 -11.25 -24.36 13.14
N SER A 178 -11.03 -25.53 13.76
CA SER A 178 -10.68 -26.74 13.02
C SER A 178 -9.41 -26.54 12.20
N TYR A 179 -8.36 -26.06 12.86
CA TYR A 179 -7.04 -25.87 12.25
C TYR A 179 -7.09 -24.93 11.04
N THR A 180 -8.11 -24.05 11.00
CA THR A 180 -8.38 -23.10 9.92
C THR A 180 -8.11 -23.72 8.55
N GLY A 181 -8.54 -24.96 8.38
CA GLY A 181 -8.38 -25.64 7.10
C GLY A 181 -9.29 -25.04 6.04
N ALA A 182 -8.72 -24.75 4.86
CA ALA A 182 -9.51 -24.26 3.74
C ALA A 182 -10.51 -25.32 3.27
N TRP A 183 -10.06 -26.56 3.12
CA TRP A 183 -10.89 -27.58 2.49
C TRP A 183 -12.12 -27.92 3.35
N THR A 184 -12.04 -27.73 4.66
CA THR A 184 -13.13 -28.01 5.57
C THR A 184 -13.85 -26.74 6.01
N TRP A 185 -13.66 -25.64 5.29
CA TRP A 185 -14.17 -24.34 5.75
C TRP A 185 -15.69 -24.33 5.83
N THR A 186 -16.37 -25.00 4.90
CA THR A 186 -17.83 -25.06 4.89
C THR A 186 -18.39 -26.32 5.54
N THR A 187 -17.53 -27.23 6.02
CA THR A 187 -17.98 -28.54 6.47
C THR A 187 -17.66 -28.83 7.93
N ALA A 188 -16.43 -28.63 8.37
CA ALA A 188 -16.09 -28.97 9.75
C ALA A 188 -16.89 -28.10 10.71
N GLU A 189 -17.40 -28.73 11.77
CA GLU A 189 -18.24 -28.07 12.75
C GLU A 189 -17.54 -28.06 14.10
N GLY A 190 -17.72 -26.96 14.82
CA GLY A 190 -17.24 -26.90 16.19
C GLY A 190 -18.11 -27.72 17.13
N THR A 191 -17.76 -27.63 18.42
CA THR A 191 -18.55 -28.31 19.45
C THR A 191 -19.93 -27.69 19.61
N ASP A 192 -20.18 -26.52 19.02
CA ASP A 192 -21.51 -25.95 18.96
C ASP A 192 -22.19 -26.22 17.62
N GLY A 193 -21.61 -27.11 16.81
CA GLY A 193 -22.22 -27.55 15.58
C GLY A 193 -22.08 -26.60 14.40
N LEU A 194 -21.31 -25.53 14.54
CA LEU A 194 -21.23 -24.46 13.55
C LEU A 194 -19.87 -24.47 12.86
N THR A 195 -19.89 -24.10 11.59
CA THR A 195 -18.70 -24.10 10.77
C THR A 195 -18.03 -22.73 10.76
N ASN A 196 -16.82 -22.71 10.20
CA ASN A 196 -16.15 -21.45 9.91
C ASN A 196 -16.95 -20.62 8.93
N ALA A 197 -17.54 -21.26 7.92
CA ALA A 197 -18.37 -20.53 6.97
C ALA A 197 -19.53 -19.84 7.67
N GLN A 198 -20.06 -20.48 8.72
CA GLN A 198 -21.26 -20.04 9.43
C GLN A 198 -20.99 -18.99 10.49
N THR A 199 -19.76 -18.89 10.99
CA THR A 199 -19.44 -17.98 12.07
C THR A 199 -18.48 -16.84 11.70
N MET A 200 -17.61 -17.02 10.72
CA MET A 200 -16.50 -16.07 10.61
C MET A 200 -16.77 -14.91 9.67
N GLY A 201 -17.84 -14.97 8.85
CA GLY A 201 -18.10 -13.87 7.95
C GLY A 201 -18.52 -12.59 8.64
N ASN A 202 -18.97 -12.68 9.89
CA ASN A 202 -19.49 -11.55 10.66
C ASN A 202 -18.40 -10.58 11.13
N LEU A 203 -17.14 -10.97 11.08
CA LEU A 203 -16.06 -10.19 11.69
C LEU A 203 -15.98 -8.79 11.08
N THR A 204 -15.85 -7.79 11.95
CA THR A 204 -15.83 -6.39 11.59
C THR A 204 -14.55 -5.72 12.10
N ASP A 205 -14.11 -4.71 11.37
CA ASP A 205 -12.88 -3.97 11.64
C ASP A 205 -13.09 -2.51 11.27
N PRO A 206 -13.00 -1.59 12.22
CA PRO A 206 -13.14 -0.16 11.87
C PRO A 206 -12.14 0.31 10.81
N GLU A 207 -10.99 -0.35 10.65
CA GLU A 207 -10.01 0.01 9.64
C GLU A 207 -10.14 -0.82 8.37
N ASP A 208 -11.07 -1.78 8.35
CA ASP A 208 -11.35 -2.63 7.18
C ASP A 208 -10.09 -3.32 6.64
N LYS A 209 -9.36 -4.00 7.53
CA LYS A 209 -8.14 -4.71 7.14
C LYS A 209 -8.10 -6.12 7.75
N ILE A 210 -9.14 -6.90 7.49
CA ILE A 210 -9.22 -8.29 7.94
C ILE A 210 -8.77 -9.19 6.78
N LEU A 211 -7.73 -9.98 7.01
CA LEU A 211 -7.28 -11.00 6.07
C LEU A 211 -7.66 -12.37 6.63
N TYR A 212 -8.46 -13.12 5.87
CA TYR A 212 -8.87 -14.45 6.29
C TYR A 212 -7.71 -15.43 6.11
N HIS A 213 -7.27 -16.04 7.20
CA HIS A 213 -6.03 -16.80 7.24
C HIS A 213 -6.35 -18.29 7.32
N MET A 214 -6.14 -19.00 6.21
CA MET A 214 -6.44 -20.42 6.07
C MET A 214 -5.17 -21.23 5.85
N HIS A 215 -5.25 -22.53 6.19
CA HIS A 215 -4.15 -23.47 5.98
C HIS A 215 -4.61 -24.63 5.10
N GLN A 216 -3.71 -25.16 4.29
CA GLN A 216 -4.04 -26.32 3.46
C GLN A 216 -2.85 -27.26 3.32
N TYR A 217 -3.04 -28.52 3.71
CA TYR A 217 -2.08 -29.59 3.47
C TYR A 217 -2.72 -30.63 2.55
N LEU A 218 -1.88 -31.51 2.00
CA LEU A 218 -2.27 -32.32 0.86
C LEU A 218 -2.30 -33.83 1.13
N ASP A 219 -2.05 -34.27 2.36
CA ASP A 219 -2.22 -35.69 2.62
C ASP A 219 -3.69 -35.97 2.91
N SER A 220 -4.01 -37.25 3.12
CA SER A 220 -5.42 -37.69 3.13
C SER A 220 -6.24 -36.91 4.16
N ASP A 221 -5.76 -36.86 5.40
CA ASP A 221 -6.48 -36.19 6.47
C ASP A 221 -6.06 -34.73 6.64
N GLY A 222 -5.25 -34.18 5.73
CA GLY A 222 -4.89 -32.79 5.81
C GLY A 222 -4.06 -32.42 7.00
N SER A 223 -3.45 -33.40 7.68
CA SER A 223 -2.64 -33.14 8.86
C SER A 223 -1.29 -32.51 8.53
N GLY A 224 -0.81 -32.66 7.30
CA GLY A 224 0.59 -32.39 7.04
C GLY A 224 1.53 -33.41 7.66
N THR A 225 1.03 -34.61 7.96
CA THR A 225 1.83 -35.64 8.63
C THR A 225 2.49 -36.62 7.66
N SER A 226 1.93 -36.83 6.48
CA SER A 226 2.43 -37.82 5.54
C SER A 226 3.15 -37.15 4.37
N SER A 227 4.25 -37.77 3.94
CA SER A 227 4.94 -37.39 2.71
C SER A 227 4.13 -37.73 1.45
N THR A 228 3.07 -38.52 1.60
CA THR A 228 2.21 -38.91 0.48
C THR A 228 1.13 -37.85 0.26
N CYS A 229 1.19 -37.17 -0.88
CA CYS A 229 0.09 -36.28 -1.29
C CYS A 229 -0.97 -37.11 -1.99
N VAL A 230 -2.23 -36.73 -1.79
CA VAL A 230 -3.36 -37.57 -2.24
C VAL A 230 -3.25 -37.81 -3.75
N ASN A 231 -3.22 -36.74 -4.53
CA ASN A 231 -3.08 -36.87 -5.97
C ASN A 231 -2.58 -35.56 -6.55
N SER A 232 -2.47 -35.54 -7.88
CA SER A 232 -1.79 -34.48 -8.62
C SER A 232 -2.46 -33.11 -8.50
N THR A 233 -3.76 -33.06 -8.21
CA THR A 233 -4.49 -31.81 -8.13
C THR A 233 -5.12 -31.56 -6.77
N ILE A 234 -4.73 -32.35 -5.75
CA ILE A 234 -5.37 -32.29 -4.44
C ILE A 234 -5.26 -30.91 -3.81
N GLY A 235 -4.28 -30.10 -4.21
CA GLY A 235 -4.09 -28.78 -3.62
C GLY A 235 -5.11 -27.75 -4.08
N ALA A 236 -5.14 -27.49 -5.39
CA ALA A 236 -6.15 -26.59 -5.94
C ALA A 236 -7.57 -27.07 -5.64
N THR A 237 -7.84 -28.38 -5.76
CA THR A 237 -9.20 -28.86 -5.52
C THR A 237 -9.66 -28.55 -4.10
N ARG A 238 -8.76 -28.62 -3.11
CA ARG A 238 -9.16 -28.38 -1.73
C ARG A 238 -9.36 -26.89 -1.43
N LEU A 239 -8.88 -25.99 -2.29
CA LEU A 239 -9.10 -24.57 -2.10
C LEU A 239 -10.44 -24.10 -2.63
N MET A 240 -11.15 -24.96 -3.37
CA MET A 240 -12.27 -24.52 -4.19
C MET A 240 -13.46 -24.04 -3.35
N ASP A 241 -13.89 -24.85 -2.37
CA ASP A 241 -15.03 -24.45 -1.56
C ASP A 241 -14.77 -23.13 -0.84
N ALA A 242 -13.55 -22.95 -0.30
CA ALA A 242 -13.24 -21.73 0.42
C ALA A 242 -13.19 -20.53 -0.53
N THR A 243 -12.66 -20.73 -1.75
CA THR A 243 -12.63 -19.66 -2.75
C THR A 243 -14.05 -19.19 -3.10
N ALA A 244 -14.97 -20.13 -3.31
CA ALA A 244 -16.36 -19.75 -3.54
C ALA A 244 -16.87 -18.91 -2.37
N TRP A 245 -16.69 -19.40 -1.15
CA TRP A 245 -17.17 -18.70 0.03
C TRP A 245 -16.63 -17.28 0.11
N LEU A 246 -15.32 -17.12 -0.16
CA LEU A 246 -14.69 -15.80 -0.05
C LEU A 246 -15.28 -14.80 -1.02
N LYS A 247 -15.46 -15.20 -2.29
CA LYS A 247 -16.09 -14.33 -3.27
C LYS A 247 -17.52 -13.96 -2.86
N SER A 248 -18.27 -14.92 -2.32
CA SER A 248 -19.68 -14.69 -2.00
C SER A 248 -19.86 -13.59 -0.97
N ASN A 249 -19.08 -13.63 0.11
CA ASN A 249 -19.19 -12.65 1.18
C ASN A 249 -18.19 -11.51 1.02
N ASN A 250 -17.56 -11.39 -0.15
CA ASN A 250 -16.66 -10.28 -0.48
C ASN A 250 -15.56 -10.11 0.58
N LYS A 251 -14.79 -11.19 0.79
CA LYS A 251 -13.67 -11.23 1.72
C LYS A 251 -12.38 -11.55 0.98
N ILE A 252 -11.24 -11.18 1.57
CA ILE A 252 -9.94 -11.55 1.00
C ILE A 252 -9.21 -12.43 2.01
N ALA A 253 -8.31 -13.28 1.49
CA ALA A 253 -7.65 -14.28 2.30
C ALA A 253 -6.17 -14.39 1.95
N ILE A 254 -5.43 -15.11 2.80
CA ILE A 254 -4.06 -15.55 2.53
C ILE A 254 -3.92 -17.00 2.96
N LEU A 255 -3.22 -17.81 2.16
CA LEU A 255 -2.96 -19.20 2.53
C LEU A 255 -1.71 -19.28 3.42
N GLY A 256 -1.93 -19.19 4.74
CA GLY A 256 -0.85 -18.94 5.69
C GLY A 256 0.04 -20.12 6.02
N GLU A 257 -0.37 -21.33 5.65
CA GLU A 257 0.43 -22.53 5.80
C GLU A 257 0.12 -23.45 4.63
N TYR A 258 1.15 -24.01 4.01
CA TYR A 258 1.00 -25.06 3.01
C TYR A 258 2.36 -25.69 2.79
N ALA A 259 2.36 -26.93 2.31
CA ALA A 259 3.60 -27.65 2.06
C ALA A 259 3.30 -28.96 1.34
N GLY A 260 4.29 -29.43 0.58
CA GLY A 260 4.31 -30.79 0.10
C GLY A 260 5.69 -31.39 0.32
N ALA A 261 5.75 -32.72 0.21
CA ALA A 261 7.02 -33.39 0.35
C ALA A 261 7.77 -33.36 -0.97
N VAL A 262 9.00 -33.84 -0.95
CA VAL A 262 9.86 -33.81 -2.15
C VAL A 262 9.59 -35.12 -2.90
N ASN A 263 8.55 -35.10 -3.71
CA ASN A 263 8.21 -36.17 -4.64
C ASN A 263 7.35 -35.58 -5.75
N SER A 264 7.26 -36.32 -6.86
CA SER A 264 6.70 -35.75 -8.08
C SER A 264 5.25 -35.30 -7.91
N VAL A 265 4.44 -36.07 -7.19
CA VAL A 265 3.01 -35.77 -7.10
C VAL A 265 2.76 -34.57 -6.18
N CYS A 266 3.42 -34.55 -5.03
CA CYS A 266 3.37 -33.37 -4.15
C CYS A 266 3.83 -32.13 -4.89
N GLU A 267 4.92 -32.24 -5.65
CA GLU A 267 5.41 -31.09 -6.40
C GLU A 267 4.35 -30.56 -7.36
N GLU A 268 3.81 -31.43 -8.21
CA GLU A 268 2.79 -31.00 -9.17
C GLU A 268 1.55 -30.47 -8.46
N ALA A 269 1.19 -31.07 -7.32
CA ALA A 269 0.03 -30.61 -6.57
C ALA A 269 0.28 -29.24 -5.95
N VAL A 270 1.51 -28.98 -5.50
CA VAL A 270 1.83 -27.67 -4.90
C VAL A 270 1.78 -26.57 -5.95
N GLU A 271 2.45 -26.77 -7.09
CA GLU A 271 2.43 -25.74 -8.12
C GLU A 271 1.02 -25.54 -8.66
N GLY A 272 0.27 -26.62 -8.83
CA GLY A 272 -1.12 -26.48 -9.26
C GLY A 272 -1.92 -25.60 -8.31
N MET A 273 -1.74 -25.80 -7.00
CA MET A 273 -2.40 -24.95 -6.00
C MET A 273 -1.96 -23.49 -6.12
N LEU A 274 -0.65 -23.27 -6.15
CA LEU A 274 -0.16 -21.90 -6.26
C LEU A 274 -0.61 -21.25 -7.58
N ASP A 275 -0.75 -22.06 -8.64
CA ASP A 275 -1.38 -21.56 -9.86
C ASP A 275 -2.82 -21.15 -9.62
N TYR A 276 -3.57 -21.98 -8.89
CA TYR A 276 -4.96 -21.64 -8.58
C TYR A 276 -5.04 -20.31 -7.86
N ILE A 277 -4.15 -20.10 -6.88
CA ILE A 277 -4.14 -18.85 -6.10
C ILE A 277 -3.90 -17.66 -7.01
N ASP A 278 -2.95 -17.78 -7.94
CA ASP A 278 -2.73 -16.72 -8.92
C ASP A 278 -3.97 -16.52 -9.79
N GLU A 279 -4.63 -17.61 -10.18
CA GLU A 279 -5.84 -17.49 -10.98
C GLU A 279 -6.94 -16.77 -10.22
N ASN A 280 -6.98 -16.92 -8.90
CA ASN A 280 -8.00 -16.32 -8.08
C ASN A 280 -7.40 -15.35 -7.07
N SER A 281 -6.47 -14.51 -7.54
CA SER A 281 -5.87 -13.49 -6.68
C SER A 281 -6.83 -12.37 -6.35
N ASP A 282 -8.10 -12.43 -6.80
CA ASP A 282 -9.08 -11.46 -6.31
C ASP A 282 -9.46 -11.74 -4.85
N VAL A 283 -9.36 -12.99 -4.41
CA VAL A 283 -9.64 -13.32 -3.02
C VAL A 283 -8.42 -13.89 -2.28
N TRP A 284 -7.43 -14.43 -2.97
CA TRP A 284 -6.20 -14.91 -2.32
C TRP A 284 -5.09 -13.89 -2.57
N THR A 285 -4.61 -13.29 -1.49
CA THR A 285 -3.55 -12.30 -1.58
C THR A 285 -2.17 -12.94 -1.58
N GLY A 286 -2.07 -14.24 -1.28
CA GLY A 286 -0.79 -14.90 -1.34
C GLY A 286 -0.80 -16.21 -0.56
N ALA A 287 0.40 -16.77 -0.40
CA ALA A 287 0.61 -18.05 0.26
C ALA A 287 1.95 -18.03 0.99
N ILE A 288 1.99 -18.76 2.11
CA ILE A 288 3.14 -18.78 3.01
C ILE A 288 3.48 -20.24 3.29
N TRP A 289 4.71 -20.63 2.96
CA TRP A 289 5.15 -22.02 3.11
C TRP A 289 5.39 -22.37 4.59
N TRP A 290 5.10 -23.61 4.96
CA TRP A 290 5.44 -24.17 6.27
C TRP A 290 6.47 -25.28 6.06
N ALA A 291 7.73 -25.08 6.47
CA ALA A 291 8.18 -23.93 7.25
C ALA A 291 9.70 -23.73 7.10
N ALA A 292 10.18 -22.54 7.49
CA ALA A 292 11.60 -22.29 7.70
C ALA A 292 11.87 -22.17 9.20
N GLY A 293 13.12 -21.90 9.55
CA GLY A 293 13.53 -21.94 10.94
C GLY A 293 14.69 -22.89 11.13
N PRO A 294 15.53 -22.62 12.14
CA PRO A 294 16.85 -23.27 12.18
C PRO A 294 16.88 -24.61 12.90
N TRP A 295 15.77 -25.02 13.54
CA TRP A 295 15.78 -26.21 14.37
C TRP A 295 14.94 -27.33 13.77
N TRP A 296 14.90 -27.40 12.44
CA TRP A 296 14.10 -28.40 11.74
C TRP A 296 14.88 -29.63 11.35
N GLY A 297 16.20 -29.53 11.19
CA GLY A 297 16.95 -30.69 10.76
C GLY A 297 16.39 -31.22 9.45
N ASP A 298 16.14 -32.55 9.43
CA ASP A 298 15.66 -33.26 8.25
C ASP A 298 14.13 -33.25 8.10
N TYR A 299 13.43 -32.33 8.77
CA TYR A 299 12.00 -32.18 8.58
C TYR A 299 11.61 -32.11 7.11
N MET A 300 10.65 -32.95 6.72
CA MET A 300 10.31 -33.12 5.30
C MET A 300 9.79 -31.86 4.65
N PHE A 301 9.27 -30.89 5.41
CA PHE A 301 8.81 -29.63 4.85
C PHE A 301 9.78 -28.46 5.05
N SER A 302 10.91 -28.68 5.72
CA SER A 302 11.82 -27.60 6.04
C SER A 302 12.43 -26.98 4.79
N VAL A 303 12.23 -25.68 4.62
CA VAL A 303 12.89 -24.93 3.55
C VAL A 303 14.01 -24.04 4.08
N GLU A 304 14.46 -24.28 5.32
CA GLU A 304 15.59 -23.52 5.83
C GLU A 304 16.78 -23.71 4.89
N PRO A 305 17.39 -22.63 4.41
CA PRO A 305 18.35 -22.78 3.31
C PRO A 305 19.47 -23.79 3.56
N ASP A 306 20.11 -23.81 4.73
CA ASP A 306 21.33 -24.61 4.78
C ASP A 306 21.06 -26.10 4.97
N ASN A 307 19.99 -26.48 5.63
CA ASN A 307 19.80 -27.92 5.78
C ASN A 307 18.36 -28.36 5.53
N GLY A 308 17.58 -27.55 4.81
CA GLY A 308 16.20 -27.89 4.56
C GLY A 308 16.04 -28.85 3.39
N PRO A 309 15.57 -30.08 3.67
CA PRO A 309 15.40 -31.06 2.60
C PRO A 309 14.46 -30.60 1.49
N ALA A 310 13.48 -29.78 1.81
CA ALA A 310 12.56 -29.28 0.80
C ALA A 310 13.06 -28.02 0.10
N TYR A 311 14.21 -27.48 0.50
CA TYR A 311 14.62 -26.14 0.04
C TYR A 311 14.91 -26.12 -1.46
N SER A 312 15.84 -26.96 -1.92
CA SER A 312 16.24 -26.90 -3.32
C SER A 312 15.05 -27.10 -4.26
N THR A 313 14.08 -27.92 -3.86
CA THR A 313 12.92 -28.18 -4.71
C THR A 313 11.94 -27.02 -4.70
N TYR A 314 11.53 -26.56 -3.51
CA TYR A 314 10.37 -25.67 -3.41
C TYR A 314 10.73 -24.20 -3.28
N ASP A 315 11.97 -23.88 -2.93
CA ASP A 315 12.40 -22.48 -2.95
C ASP A 315 12.25 -21.86 -4.33
N PRO A 316 12.65 -22.52 -5.44
CA PRO A 316 12.35 -21.94 -6.77
C PRO A 316 10.86 -21.88 -7.09
N ILE A 317 10.06 -22.86 -6.65
CA ILE A 317 8.60 -22.84 -6.91
C ILE A 317 7.96 -21.63 -6.26
N ILE A 318 8.26 -21.39 -4.97
CA ILE A 318 7.73 -20.21 -4.29
C ILE A 318 8.11 -18.96 -5.07
N LEU A 319 9.37 -18.86 -5.47
CA LEU A 319 9.97 -17.64 -5.97
C LEU A 319 9.49 -17.18 -7.34
N LYS B 8 -6.38 2.23 -21.99
CA LYS B 8 -5.67 0.98 -22.23
C LYS B 8 -4.49 0.90 -21.26
N ARG B 9 -4.06 2.04 -20.71
CA ARG B 9 -2.74 2.14 -20.09
C ARG B 9 -2.78 2.39 -18.57
N ASN B 10 -3.77 1.85 -17.84
CA ASN B 10 -3.98 2.31 -16.47
C ASN B 10 -3.37 1.39 -15.40
N LYS B 11 -3.67 0.09 -15.41
CA LYS B 11 -3.20 -0.77 -14.31
C LYS B 11 -1.81 -1.34 -14.56
N LYS B 12 -1.17 -0.83 -15.59
CA LYS B 12 0.27 -0.80 -15.67
C LYS B 12 0.83 0.37 -14.86
N MET B 13 -0.03 1.12 -14.16
CA MET B 13 0.36 2.26 -13.35
C MET B 13 -0.25 2.15 -11.96
N ARG B 14 0.55 2.49 -10.95
CA ARG B 14 0.00 2.63 -9.60
C ARG B 14 -1.12 3.67 -9.58
N PHE B 15 -0.93 4.78 -10.28
CA PHE B 15 -1.83 5.93 -10.22
C PHE B 15 -2.15 6.39 -11.64
N ALA B 16 -3.41 6.31 -12.03
CA ALA B 16 -3.86 6.93 -13.26
C ALA B 16 -5.13 7.72 -12.96
N GLY B 17 -5.22 8.94 -13.53
CA GLY B 17 -6.36 9.80 -13.24
C GLY B 17 -6.33 11.15 -13.95
N VAL B 18 -6.94 12.17 -13.34
CA VAL B 18 -7.16 13.44 -14.03
C VAL B 18 -6.92 14.60 -13.08
N ASN B 19 -6.52 15.73 -13.66
CA ASN B 19 -6.55 16.98 -12.91
C ASN B 19 -7.99 17.45 -12.80
N GLU B 20 -8.32 18.03 -11.65
CA GLU B 20 -9.57 18.77 -11.46
C GLU B 20 -9.18 20.23 -11.32
N SER B 21 -9.59 21.05 -12.28
CA SER B 21 -9.21 22.45 -12.33
C SER B 21 -10.44 23.36 -12.28
N GLY B 22 -10.37 24.43 -11.49
CA GLY B 22 -11.50 25.32 -11.32
C GLY B 22 -11.55 26.10 -10.01
N ALA B 23 -11.09 25.49 -8.91
CA ALA B 23 -11.12 26.19 -7.63
C ALA B 23 -10.03 27.23 -7.51
N GLU B 24 -9.10 27.24 -8.47
CA GLU B 24 -7.99 28.17 -8.54
C GLU B 24 -8.22 29.26 -9.57
N PHE B 25 -9.37 29.26 -10.23
CA PHE B 25 -9.58 30.16 -11.35
C PHE B 25 -9.75 31.60 -10.86
N GLY B 26 -9.49 32.52 -11.77
CA GLY B 26 -9.68 33.95 -11.53
C GLY B 26 -8.82 34.46 -10.40
N SER B 27 -7.53 34.10 -10.37
CA SER B 27 -6.65 34.44 -9.26
C SER B 27 -6.31 35.92 -9.18
N ASP B 28 -6.71 36.72 -10.16
CA ASP B 28 -6.66 38.17 -10.01
C ASP B 28 -7.70 38.69 -9.01
N ASN B 29 -8.68 37.89 -8.65
CA ASN B 29 -9.70 38.29 -7.68
C ASN B 29 -9.49 37.42 -6.45
N ILE B 30 -8.81 37.96 -5.45
CA ILE B 30 -8.59 37.29 -4.18
C ILE B 30 -9.16 38.15 -3.06
N PRO B 31 -10.09 37.64 -2.24
CA PRO B 31 -10.53 36.24 -2.18
C PRO B 31 -11.36 35.75 -3.37
N GLY B 32 -12.01 36.65 -4.09
CA GLY B 32 -12.88 36.24 -5.18
C GLY B 32 -14.15 35.58 -4.65
N VAL B 33 -15.02 35.23 -5.59
CA VAL B 33 -16.39 34.85 -5.27
C VAL B 33 -16.73 33.54 -5.97
N TYR B 34 -17.14 32.54 -5.18
CA TYR B 34 -17.67 31.29 -5.74
C TYR B 34 -18.79 31.58 -6.73
N GLY B 35 -18.75 30.91 -7.88
CA GLY B 35 -19.74 31.08 -8.92
C GLY B 35 -19.41 32.16 -9.92
N THR B 36 -18.52 33.08 -9.56
CA THR B 36 -18.04 34.12 -10.46
C THR B 36 -16.58 33.93 -10.80
N ASP B 37 -15.74 33.75 -9.78
CA ASP B 37 -14.31 33.60 -10.00
C ASP B 37 -13.83 32.16 -9.96
N TYR B 38 -14.44 31.32 -9.14
CA TYR B 38 -14.04 29.92 -9.09
C TYR B 38 -15.23 29.07 -8.76
N THR B 39 -15.02 27.76 -8.91
CA THR B 39 -16.01 26.75 -8.61
C THR B 39 -15.29 25.59 -7.98
N TRP B 40 -16.05 24.69 -7.38
CA TRP B 40 -15.48 23.44 -6.94
C TRP B 40 -15.88 22.38 -7.96
N TYR B 41 -15.68 21.11 -7.63
CA TYR B 41 -15.68 20.08 -8.64
C TYR B 41 -16.98 19.30 -8.64
N ASN B 42 -17.23 18.65 -9.76
CA ASN B 42 -18.45 17.87 -9.99
C ASN B 42 -18.20 16.46 -9.45
N THR B 43 -18.68 16.18 -8.23
CA THR B 43 -18.50 14.86 -7.63
C THR B 43 -19.05 13.76 -8.52
N THR B 44 -20.14 14.04 -9.24
CA THR B 44 -20.71 13.01 -10.10
C THR B 44 -19.72 12.63 -11.18
N ALA B 45 -19.12 13.61 -11.85
CA ALA B 45 -18.15 13.28 -12.90
C ALA B 45 -16.96 12.51 -12.31
N MET B 46 -16.50 12.90 -11.11
CA MET B 46 -15.41 12.21 -10.46
C MET B 46 -15.77 10.76 -10.15
N GLY B 47 -17.00 10.51 -9.74
CA GLY B 47 -17.42 9.14 -9.52
C GLY B 47 -17.40 8.33 -10.80
N GLU B 48 -17.71 8.97 -11.94
CA GLU B 48 -17.65 8.27 -13.22
C GLU B 48 -16.23 7.83 -13.52
N PHE B 49 -15.26 8.74 -13.35
CA PHE B 49 -13.86 8.39 -13.53
C PHE B 49 -13.47 7.26 -12.57
N ILE B 50 -13.93 7.33 -11.33
CA ILE B 50 -13.58 6.27 -10.36
C ILE B 50 -14.17 4.94 -10.80
N SER B 51 -15.44 4.92 -11.23
CA SER B 51 -16.07 3.69 -11.66
C SER B 51 -15.46 3.14 -12.94
N GLN B 52 -14.85 4.00 -13.76
CA GLN B 52 -14.09 3.54 -14.91
C GLN B 52 -12.78 2.91 -14.50
N GLY B 53 -12.25 3.23 -13.33
CA GLY B 53 -11.01 2.61 -12.88
C GLY B 53 -9.88 3.58 -12.55
N MET B 54 -10.04 4.86 -12.85
CA MET B 54 -9.06 5.84 -12.43
C MET B 54 -9.03 5.92 -10.91
N ASN B 55 -7.86 6.14 -10.32
CA ASN B 55 -7.74 6.09 -8.87
C ASN B 55 -6.95 7.26 -8.30
N ILE B 56 -6.78 8.35 -9.05
CA ILE B 56 -6.14 9.52 -8.49
C ILE B 56 -6.72 10.79 -9.12
N PHE B 57 -6.94 11.80 -8.29
CA PHE B 57 -7.50 13.08 -8.73
C PHE B 57 -6.68 14.21 -8.14
N ARG B 58 -6.13 15.07 -8.99
CA ARG B 58 -5.31 16.21 -8.56
C ARG B 58 -6.24 17.40 -8.37
N LEU B 59 -6.52 17.74 -7.11
CA LEU B 59 -7.50 18.79 -6.79
C LEU B 59 -6.78 20.12 -6.66
N ASN B 60 -6.99 20.99 -7.63
CA ASN B 60 -6.31 22.27 -7.70
C ASN B 60 -7.05 23.33 -6.89
N LEU B 61 -6.28 24.15 -6.19
CA LEU B 61 -6.84 25.21 -5.37
C LEU B 61 -5.86 26.38 -5.35
N LEU B 62 -6.28 27.48 -4.75
CA LEU B 62 -5.48 28.70 -4.65
C LEU B 62 -5.03 28.92 -3.21
N MET B 63 -3.72 29.15 -3.03
CA MET B 63 -3.15 29.27 -1.69
C MET B 63 -3.88 30.32 -0.87
N GLU B 64 -4.10 31.49 -1.48
CA GLU B 64 -4.59 32.64 -0.73
C GLU B 64 -6.03 32.46 -0.33
N ARG B 65 -6.76 31.58 -1.02
CA ARG B 65 -8.12 31.30 -0.62
C ARG B 65 -8.15 30.28 0.51
N LEU B 66 -7.24 29.31 0.51
CA LEU B 66 -7.20 28.34 1.61
C LEU B 66 -6.63 28.96 2.87
N VAL B 67 -5.58 29.79 2.74
CA VAL B 67 -4.97 30.47 3.88
C VAL B 67 -4.82 31.97 3.57
N PRO B 68 -5.76 32.82 3.94
CA PRO B 68 -5.68 34.22 3.55
C PRO B 68 -4.65 35.00 4.35
N ASN B 69 -4.24 36.13 3.76
CA ASN B 69 -3.46 37.19 4.40
C ASN B 69 -1.97 36.87 4.48
N THR B 70 -1.58 35.91 5.33
CA THR B 70 -0.20 35.41 5.35
C THR B 70 -0.22 33.89 5.38
N MET B 71 0.87 33.30 4.88
CA MET B 71 0.99 31.85 4.87
C MET B 71 1.01 31.26 6.26
N THR B 72 1.30 32.05 7.29
CA THR B 72 1.32 31.57 8.66
C THR B 72 -0.05 31.60 9.32
N GLY B 73 -1.09 32.08 8.62
CA GLY B 73 -2.38 32.30 9.23
C GLY B 73 -3.22 31.04 9.30
N PRO B 74 -4.39 31.16 9.91
CA PRO B 74 -5.36 30.05 9.89
C PRO B 74 -6.07 29.95 8.55
N MET B 75 -6.70 28.80 8.34
CA MET B 75 -7.35 28.49 7.08
C MET B 75 -8.73 29.17 7.02
N ASN B 76 -9.21 29.41 5.80
CA ASN B 76 -10.61 29.81 5.64
C ASN B 76 -11.45 28.54 5.70
N ALA B 77 -12.42 28.52 6.61
CA ALA B 77 -13.15 27.28 6.86
C ALA B 77 -14.09 26.92 5.72
N ASP B 78 -14.67 27.89 5.02
CA ASP B 78 -15.57 27.55 3.92
C ASP B 78 -14.81 26.96 2.74
N TYR B 79 -13.70 27.60 2.35
CA TYR B 79 -12.86 27.05 1.28
C TYR B 79 -12.30 25.68 1.67
N LEU B 80 -11.72 25.57 2.87
CA LEU B 80 -11.28 24.27 3.36
C LEU B 80 -12.43 23.27 3.43
N GLY B 81 -13.62 23.73 3.84
CA GLY B 81 -14.75 22.82 3.91
C GLY B 81 -15.05 22.18 2.56
N ASN B 82 -15.09 23.00 1.51
CA ASN B 82 -15.38 22.47 0.18
C ASN B 82 -14.25 21.57 -0.35
N LEU B 83 -12.99 21.93 -0.05
CA LEU B 83 -11.88 21.04 -0.40
C LEU B 83 -12.07 19.66 0.23
N THR B 84 -12.35 19.63 1.54
CA THR B 84 -12.60 18.40 2.28
C THR B 84 -13.78 17.63 1.71
N LYS B 85 -14.82 18.34 1.25
CA LYS B 85 -15.95 17.64 0.66
C LYS B 85 -15.51 16.88 -0.58
N ASP B 86 -14.72 17.52 -1.43
CA ASP B 86 -14.28 16.86 -2.64
C ASP B 86 -13.24 15.78 -2.33
N VAL B 87 -12.33 16.04 -1.39
CA VAL B 87 -11.36 15.04 -0.97
C VAL B 87 -12.08 13.80 -0.46
N ASN B 88 -13.07 13.99 0.41
CA ASN B 88 -13.74 12.85 1.03
C ASN B 88 -14.54 12.07 0.00
N TYR B 89 -15.14 12.75 -0.98
CA TYR B 89 -15.84 12.01 -2.01
C TYR B 89 -14.91 11.03 -2.71
N VAL B 90 -13.66 11.43 -2.94
CA VAL B 90 -12.73 10.59 -3.66
C VAL B 90 -12.13 9.52 -2.75
N THR B 91 -11.63 9.92 -1.58
CA THR B 91 -10.93 8.96 -0.72
C THR B 91 -11.89 7.98 -0.08
N ASP B 92 -13.14 8.37 0.15
CA ASP B 92 -14.12 7.42 0.66
C ASP B 92 -14.36 6.28 -0.33
N LYS B 93 -14.02 6.47 -1.60
CA LYS B 93 -14.21 5.43 -2.59
C LYS B 93 -12.92 4.69 -2.91
N GLY B 94 -11.85 4.96 -2.16
CA GLY B 94 -10.61 4.23 -2.32
C GLY B 94 -9.63 4.83 -3.30
N ALA B 95 -9.95 5.99 -3.90
CA ALA B 95 -9.04 6.65 -4.81
C ALA B 95 -8.24 7.73 -4.08
N TYR B 96 -7.11 8.11 -4.66
CA TYR B 96 -6.21 9.09 -4.06
C TYR B 96 -6.67 10.47 -4.44
N ALA B 97 -6.61 11.40 -3.48
CA ALA B 97 -6.90 12.81 -3.71
C ALA B 97 -5.62 13.61 -3.45
N MET B 98 -5.03 14.19 -4.50
CA MET B 98 -3.81 15.00 -4.32
C MET B 98 -4.19 16.47 -4.14
N ILE B 99 -3.71 17.06 -3.05
CA ILE B 99 -4.00 18.45 -2.72
C ILE B 99 -2.90 19.37 -3.29
N THR B 100 -3.30 20.25 -4.21
CA THR B 100 -2.35 21.04 -4.99
C THR B 100 -2.62 22.54 -4.92
N PRO B 101 -1.83 23.32 -4.19
CA PRO B 101 -1.93 24.79 -4.30
C PRO B 101 -1.39 25.26 -5.66
N HIS B 102 -2.27 25.79 -6.49
CA HIS B 102 -1.95 26.10 -7.89
C HIS B 102 -1.39 27.51 -7.98
N ASN B 103 -0.18 27.69 -7.45
CA ASN B 103 0.33 29.03 -7.18
C ASN B 103 1.66 29.40 -7.82
N TYR B 104 2.33 28.50 -8.52
CA TYR B 104 3.54 28.85 -9.26
C TYR B 104 4.65 29.42 -8.35
N GLY B 105 4.70 28.95 -7.11
CA GLY B 105 5.70 29.44 -6.17
C GLY B 105 5.50 30.86 -5.71
N ARG B 106 4.29 31.41 -5.91
CA ARG B 106 4.00 32.81 -5.64
C ARG B 106 2.74 32.94 -4.78
N TYR B 107 2.82 33.84 -3.80
CA TYR B 107 1.75 34.11 -2.84
C TYR B 107 1.41 35.60 -2.93
N TYR B 108 0.14 35.90 -3.24
CA TYR B 108 -0.29 37.27 -3.63
C TYR B 108 0.63 37.87 -4.68
N GLY B 109 1.00 37.07 -5.67
CA GLY B 109 1.84 37.52 -6.76
C GLY B 109 3.32 37.49 -6.50
N ASN B 110 3.76 37.50 -5.26
CA ASN B 110 5.17 37.62 -4.94
C ASN B 110 5.81 36.25 -4.78
N ILE B 111 7.03 36.11 -5.29
CA ILE B 111 7.76 34.85 -5.15
C ILE B 111 7.90 34.52 -3.68
N ILE B 112 7.65 33.27 -3.32
CA ILE B 112 7.79 32.84 -1.92
C ILE B 112 9.28 32.64 -1.62
N ASN B 113 9.90 33.62 -0.95
CA ASN B 113 11.30 33.55 -0.54
C ASN B 113 11.46 33.00 0.87
N SER B 114 10.39 33.02 1.66
CA SER B 114 10.45 32.50 3.01
C SER B 114 10.09 31.02 2.95
N THR B 115 11.13 30.19 3.03
CA THR B 115 10.92 28.77 3.23
C THR B 115 10.18 28.51 4.55
N SER B 116 10.38 29.36 5.56
CA SER B 116 9.68 29.17 6.84
C SER B 116 8.19 29.53 6.76
N ASP B 117 7.84 30.59 6.01
CA ASP B 117 6.43 30.86 5.72
C ASP B 117 5.77 29.65 5.08
N PHE B 118 6.45 29.07 4.09
CA PHE B 118 5.92 27.93 3.36
C PHE B 118 5.74 26.71 4.27
N GLU B 119 6.73 26.41 5.11
CA GLU B 119 6.59 25.29 6.03
C GLU B 119 5.40 25.50 6.97
N ALA B 120 5.22 26.73 7.46
CA ALA B 120 4.04 27.07 8.25
C ALA B 120 2.76 26.82 7.47
N PHE B 121 2.73 27.21 6.20
CA PHE B 121 1.56 26.93 5.37
C PHE B 121 1.29 25.44 5.33
N TRP B 122 2.31 24.63 5.04
CA TRP B 122 2.08 23.20 4.85
C TRP B 122 1.79 22.50 6.17
N LYS B 123 2.37 22.98 7.28
CA LYS B 123 2.02 22.39 8.57
C LYS B 123 0.54 22.60 8.85
N THR B 124 0.01 23.78 8.48
CA THR B 124 -1.40 24.07 8.67
C THR B 124 -2.27 23.20 7.78
N VAL B 125 -1.95 23.11 6.50
CA VAL B 125 -2.85 22.36 5.60
C VAL B 125 -2.82 20.88 5.93
N ALA B 126 -1.65 20.33 6.26
CA ALA B 126 -1.56 18.90 6.53
C ALA B 126 -2.36 18.50 7.78
N GLY B 127 -2.40 19.37 8.79
CA GLY B 127 -3.19 19.06 9.98
C GLY B 127 -4.63 18.75 9.68
N ALA B 128 -5.21 19.40 8.67
CA ALA B 128 -6.60 19.16 8.30
C ALA B 128 -6.82 17.77 7.71
N PHE B 129 -5.76 17.07 7.30
CA PHE B 129 -5.90 15.81 6.58
C PHE B 129 -4.94 14.74 7.08
N LYS B 130 -4.34 14.93 8.27
CA LYS B 130 -3.22 14.09 8.68
C LYS B 130 -3.58 12.60 8.80
N ASP B 131 -4.85 12.27 8.97
CA ASP B 131 -5.25 10.90 9.18
C ASP B 131 -5.85 10.25 7.94
N ASN B 132 -5.95 11.00 6.83
CA ASN B 132 -6.48 10.46 5.59
C ASN B 132 -5.33 9.89 4.76
N ASP B 133 -5.23 8.57 4.71
CA ASP B 133 -4.14 7.88 4.04
C ASP B 133 -4.23 7.93 2.53
N LEU B 134 -5.35 8.37 1.97
CA LEU B 134 -5.50 8.47 0.52
C LEU B 134 -5.25 9.88 0.00
N VAL B 135 -4.77 10.76 0.85
CA VAL B 135 -4.39 12.12 0.46
C VAL B 135 -2.93 12.12 0.04
N MET B 136 -2.63 12.85 -1.03
CA MET B 136 -1.27 13.25 -1.35
C MET B 136 -1.13 14.76 -1.22
N PHE B 137 0.04 15.21 -0.82
CA PHE B 137 0.32 16.65 -0.74
C PHE B 137 1.28 17.05 -1.85
N ASP B 138 0.91 18.07 -2.62
CA ASP B 138 1.67 18.51 -3.79
C ASP B 138 2.14 19.93 -3.50
N THR B 139 3.45 20.10 -3.28
CA THR B 139 3.94 21.29 -2.57
C THR B 139 3.53 22.58 -3.27
N ASN B 140 3.60 22.61 -4.61
CA ASN B 140 3.15 23.75 -5.38
C ASN B 140 3.20 23.40 -6.85
N ASN B 141 2.26 23.95 -7.61
CA ASN B 141 2.21 23.69 -9.05
C ASN B 141 3.20 24.59 -9.78
N GLU B 142 4.15 23.98 -10.48
CA GLU B 142 4.98 24.63 -11.49
C GLU B 142 5.64 25.91 -10.96
N TYR B 143 6.54 25.73 -9.99
CA TYR B 143 7.52 26.77 -9.69
C TYR B 143 8.22 27.21 -10.97
N TYR B 144 8.47 28.52 -11.10
CA TYR B 144 9.19 29.02 -12.28
C TYR B 144 9.86 30.36 -11.99
N GLY B 145 10.88 30.66 -12.78
CA GLY B 145 11.55 31.93 -12.67
C GLY B 145 12.16 32.18 -11.31
N MET B 146 12.56 31.13 -10.61
CA MET B 146 13.16 31.23 -9.29
C MET B 146 14.53 30.58 -9.32
N ALA B 147 15.24 30.70 -8.19
CA ALA B 147 16.51 30.00 -8.03
C ALA B 147 16.26 28.51 -7.81
N GLY B 148 17.00 27.67 -8.53
CA GLY B 148 16.82 26.23 -8.37
C GLY B 148 16.96 25.76 -6.95
N GLN B 149 17.85 26.40 -6.18
CA GLN B 149 18.05 25.96 -4.79
C GLN B 149 16.87 26.38 -3.91
N LEU B 150 16.32 27.58 -4.11
CA LEU B 150 15.17 27.98 -3.30
C LEU B 150 14.00 27.04 -3.53
N VAL B 151 13.83 26.59 -4.77
CA VAL B 151 12.72 25.69 -5.09
C VAL B 151 12.91 24.38 -4.37
N ALA B 152 14.13 23.83 -4.43
CA ALA B 152 14.46 22.63 -3.64
C ALA B 152 14.17 22.86 -2.18
N ASP B 153 14.62 24.00 -1.62
CA ASP B 153 14.43 24.30 -0.21
C ASP B 153 12.97 24.49 0.16
N LEU B 154 12.18 25.07 -0.75
CA LEU B 154 10.74 25.14 -0.49
C LEU B 154 10.15 23.74 -0.45
N ASN B 155 10.51 22.89 -1.42
CA ASN B 155 10.02 21.52 -1.36
C ASN B 155 10.41 20.85 -0.05
N GLN B 156 11.63 21.08 0.44
CA GLN B 156 12.03 20.45 1.69
C GLN B 156 11.25 21.01 2.89
N ALA B 157 11.06 22.34 2.92
CA ALA B 157 10.28 22.94 4.00
C ALA B 157 8.84 22.44 4.00
N ALA B 158 8.30 22.14 2.81
CA ALA B 158 6.94 21.62 2.74
C ALA B 158 6.88 20.23 3.33
N ILE B 159 7.81 19.34 2.94
CA ILE B 159 7.89 18.02 3.58
C ILE B 159 7.99 18.17 5.09
N ASN B 160 8.88 19.05 5.55
CA ASN B 160 9.08 19.18 7.00
C ASN B 160 7.83 19.68 7.70
N GLY B 161 7.12 20.62 7.08
CA GLY B 161 5.85 21.05 7.66
C GLY B 161 4.83 19.93 7.70
N ILE B 162 4.76 19.15 6.63
CA ILE B 162 3.74 18.11 6.51
C ILE B 162 3.94 17.04 7.59
N ARG B 163 5.18 16.56 7.73
CA ARG B 163 5.43 15.55 8.75
C ARG B 163 5.29 16.13 10.16
N ALA B 164 5.61 17.41 10.36
CA ALA B 164 5.51 17.95 11.71
C ALA B 164 4.07 18.00 12.18
N ALA B 165 3.12 18.20 11.26
CA ALA B 165 1.70 18.13 11.59
C ALA B 165 1.24 16.73 11.97
N GLY B 166 2.07 15.71 11.77
CA GLY B 166 1.67 14.36 12.08
C GLY B 166 1.10 13.63 10.90
N ALA B 167 1.16 14.23 9.70
CA ALA B 167 0.67 13.60 8.47
C ALA B 167 1.81 12.78 7.87
N THR B 168 1.94 11.53 8.34
CA THR B 168 3.08 10.68 8.03
C THR B 168 2.78 9.57 7.03
N SER B 169 1.53 9.33 6.70
CA SER B 169 1.23 8.21 5.82
C SER B 169 1.17 8.60 4.36
N GLN B 170 1.14 9.89 4.06
CA GLN B 170 0.85 10.41 2.74
C GLN B 170 2.11 10.60 1.90
N TYR B 171 1.96 10.40 0.59
CA TYR B 171 3.01 10.79 -0.34
C TYR B 171 3.05 12.31 -0.46
N VAL B 172 4.27 12.86 -0.53
CA VAL B 172 4.51 14.28 -0.82
C VAL B 172 5.06 14.38 -2.24
N ASN B 173 4.33 15.05 -3.13
CA ASN B 173 4.74 15.26 -4.51
C ASN B 173 5.60 16.51 -4.57
N VAL B 174 6.87 16.38 -4.98
CA VAL B 174 7.79 17.52 -5.07
C VAL B 174 7.94 17.94 -6.52
N GLU B 175 7.85 19.25 -6.78
CA GLU B 175 7.83 19.77 -8.13
C GLU B 175 9.06 20.64 -8.37
N GLY B 176 9.66 20.50 -9.57
CA GLY B 176 10.83 21.28 -9.90
C GLY B 176 10.53 22.71 -10.35
N ASN B 177 11.60 23.49 -10.45
CA ASN B 177 11.60 24.80 -11.10
C ASN B 177 11.27 24.62 -12.60
N SER B 178 11.09 25.73 -13.29
CA SER B 178 10.88 25.71 -14.75
C SER B 178 9.66 24.86 -15.13
N TYR B 179 8.54 25.12 -14.46
CA TYR B 179 7.26 24.46 -14.74
C TYR B 179 7.36 22.95 -14.56
N THR B 180 8.33 22.52 -13.75
CA THR B 180 8.65 21.13 -13.47
C THR B 180 8.52 20.26 -14.72
N GLY B 181 9.03 20.77 -15.84
CA GLY B 181 9.00 20.01 -17.08
C GLY B 181 9.94 18.83 -17.03
N ALA B 182 9.46 17.65 -17.43
CA ALA B 182 10.35 16.50 -17.51
C ALA B 182 11.47 16.74 -18.53
N TRP B 183 11.11 17.26 -19.71
CA TRP B 183 12.10 17.34 -20.77
C TRP B 183 13.24 18.28 -20.41
N THR B 184 12.99 19.26 -19.55
CA THR B 184 14.01 20.23 -19.15
C THR B 184 14.61 19.89 -17.80
N TRP B 185 14.43 18.67 -17.32
CA TRP B 185 14.80 18.35 -15.93
C TRP B 185 16.31 18.50 -15.71
N THR B 186 17.13 18.07 -16.68
CA THR B 186 18.58 18.14 -16.57
C THR B 186 19.19 19.35 -17.26
N THR B 187 18.41 20.19 -17.94
CA THR B 187 19.00 21.24 -18.76
C THR B 187 18.59 22.64 -18.33
N ALA B 188 17.30 22.92 -18.12
CA ALA B 188 16.88 24.28 -17.78
C ALA B 188 17.50 24.73 -16.45
N GLU B 189 17.88 26.00 -16.38
CA GLU B 189 18.54 26.54 -15.21
C GLU B 189 17.66 27.58 -14.53
N GLY B 190 17.72 27.61 -13.20
CA GLY B 190 17.08 28.68 -12.46
C GLY B 190 17.87 29.97 -12.59
N THR B 191 17.41 30.99 -11.87
CA THR B 191 18.11 32.28 -11.85
C THR B 191 19.43 32.19 -11.12
N ASP B 192 19.70 31.11 -10.40
CA ASP B 192 20.99 30.86 -9.78
C ASP B 192 21.85 29.92 -10.60
N GLY B 193 21.48 29.65 -11.85
CA GLY B 193 22.28 28.85 -12.75
C GLY B 193 22.15 27.35 -12.56
N LEU B 194 21.22 26.88 -11.71
CA LEU B 194 21.12 25.48 -11.33
C LEU B 194 19.85 24.83 -11.88
N THR B 195 19.96 23.55 -12.19
CA THR B 195 18.88 22.77 -12.76
C THR B 195 18.12 22.00 -11.68
N ASN B 196 16.97 21.43 -12.07
CA ASN B 196 16.28 20.47 -11.20
C ASN B 196 17.17 19.27 -10.91
N ALA B 197 17.89 18.80 -11.93
CA ALA B 197 18.77 17.66 -11.75
C ALA B 197 19.80 17.90 -10.67
N GLN B 198 20.27 19.14 -10.54
CA GLN B 198 21.32 19.47 -9.58
C GLN B 198 20.81 19.77 -8.18
N THR B 199 19.54 20.14 -8.02
CA THR B 199 19.02 20.62 -6.75
C THR B 199 18.01 19.70 -6.07
N MET B 200 17.34 18.81 -6.83
CA MET B 200 16.16 18.14 -6.29
C MET B 200 16.43 16.77 -5.70
N GLY B 201 17.56 16.13 -6.03
CA GLY B 201 17.87 14.80 -5.54
C GLY B 201 18.18 14.74 -4.06
N ASN B 202 18.51 15.88 -3.46
CA ASN B 202 18.89 15.96 -2.06
C ASN B 202 17.71 15.83 -1.10
N LEU B 203 16.46 15.97 -1.58
CA LEU B 203 15.32 16.07 -0.68
C LEU B 203 15.18 14.83 0.19
N THR B 204 14.94 15.04 1.49
CA THR B 204 14.86 13.98 2.48
C THR B 204 13.49 13.98 3.16
N ASP B 205 13.06 12.80 3.59
CA ASP B 205 11.76 12.55 4.21
C ASP B 205 11.93 11.45 5.23
N PRO B 206 11.67 11.71 6.51
CA PRO B 206 11.75 10.62 7.49
C PRO B 206 10.81 9.47 7.18
N GLU B 207 9.71 9.71 6.46
CA GLU B 207 8.77 8.64 6.14
C GLU B 207 9.05 8.04 4.76
N ASP B 208 10.04 8.57 4.03
CA ASP B 208 10.49 8.02 2.75
C ASP B 208 9.33 7.85 1.77
N LYS B 209 8.58 8.93 1.56
CA LYS B 209 7.46 8.91 0.62
C LYS B 209 7.49 10.16 -0.27
N ILE B 210 8.61 10.37 -0.92
CA ILE B 210 8.81 11.49 -1.83
C ILE B 210 8.51 11.01 -3.24
N LEU B 211 7.51 11.61 -3.88
CA LEU B 211 7.19 11.31 -5.27
C LEU B 211 7.56 12.52 -6.13
N TYR B 212 8.48 12.33 -7.08
CA TYR B 212 8.91 13.42 -7.94
C TYR B 212 7.82 13.73 -8.98
N HIS B 213 7.33 14.96 -8.99
CA HIS B 213 6.13 15.32 -9.72
C HIS B 213 6.54 16.13 -10.95
N MET B 214 6.49 15.51 -12.13
CA MET B 214 6.93 16.18 -13.34
C MET B 214 5.75 16.42 -14.28
N HIS B 215 5.89 17.43 -15.15
CA HIS B 215 4.89 17.74 -16.16
C HIS B 215 5.49 17.66 -17.56
N GLN B 216 4.70 17.23 -18.54
CA GLN B 216 5.17 17.15 -19.92
C GLN B 216 4.03 17.45 -20.90
N TYR B 217 4.24 18.45 -21.75
CA TYR B 217 3.35 18.76 -22.87
C TYR B 217 4.10 18.57 -24.19
N LEU B 218 3.35 18.53 -25.28
CA LEU B 218 3.85 18.03 -26.56
C LEU B 218 3.97 19.07 -27.66
N ASP B 219 3.61 20.34 -27.41
CA ASP B 219 3.85 21.34 -28.43
C ASP B 219 5.30 21.81 -28.37
N SER B 220 5.65 22.71 -29.31
CA SER B 220 7.05 23.02 -29.56
C SER B 220 7.77 23.47 -28.30
N ASP B 221 7.20 24.45 -27.60
CA ASP B 221 7.81 25.02 -26.41
C ASP B 221 7.34 24.37 -25.11
N GLY B 222 6.57 23.27 -25.19
CA GLY B 222 6.15 22.51 -24.03
C GLY B 222 5.21 23.23 -23.08
N SER B 223 4.64 24.37 -23.50
CA SER B 223 3.74 25.14 -22.66
C SER B 223 2.37 24.51 -22.57
N GLY B 224 2.02 23.58 -23.47
CA GLY B 224 0.64 23.15 -23.58
C GLY B 224 -0.28 24.21 -24.13
N THR B 225 0.25 25.18 -24.87
CA THR B 225 -0.55 26.27 -25.39
C THR B 225 -1.07 26.00 -26.80
N SER B 226 -0.42 25.15 -27.57
CA SER B 226 -0.80 24.89 -28.95
C SER B 226 -1.46 23.52 -29.07
N SER B 227 -2.47 23.41 -29.92
CA SER B 227 -3.01 22.09 -30.24
C SER B 227 -2.06 21.26 -31.11
N THR B 228 -1.01 21.87 -31.65
CA THR B 228 -0.07 21.15 -32.50
C THR B 228 0.96 20.43 -31.63
N CYS B 229 0.99 19.10 -31.72
CA CYS B 229 2.08 18.32 -31.14
C CYS B 229 3.26 18.25 -32.13
N VAL B 230 4.48 18.28 -31.61
CA VAL B 230 5.66 18.41 -32.48
C VAL B 230 5.67 17.29 -33.51
N ASN B 231 5.68 16.05 -33.03
CA ASN B 231 5.62 14.90 -33.92
C ASN B 231 5.11 13.71 -33.12
N SER B 232 5.02 12.56 -33.80
CA SER B 232 4.30 11.40 -33.27
C SER B 232 4.97 10.78 -32.05
N THR B 233 6.26 11.03 -31.80
CA THR B 233 6.95 10.41 -30.66
C THR B 233 7.48 11.43 -29.66
N ILE B 234 7.04 12.69 -29.75
CA ILE B 234 7.57 13.79 -28.94
C ILE B 234 7.37 13.56 -27.45
N GLY B 235 6.37 12.77 -27.07
CA GLY B 235 6.06 12.53 -25.67
C GLY B 235 7.03 11.61 -24.97
N ALA B 236 7.15 10.37 -25.47
CA ALA B 236 8.14 9.45 -24.95
C ALA B 236 9.54 10.03 -25.05
N THR B 237 9.84 10.69 -26.18
CA THR B 237 11.16 11.30 -26.40
C THR B 237 11.49 12.33 -25.32
N ARG B 238 10.49 13.11 -24.88
CA ARG B 238 10.78 14.15 -23.90
C ARG B 238 10.90 13.59 -22.48
N LEU B 239 10.45 12.37 -22.23
CA LEU B 239 10.59 11.73 -20.92
C LEU B 239 11.94 11.08 -20.70
N MET B 240 12.78 11.00 -21.74
CA MET B 240 13.97 10.16 -21.70
C MET B 240 15.00 10.70 -20.70
N ASP B 241 15.35 11.98 -20.81
CA ASP B 241 16.36 12.54 -19.90
C ASP B 241 15.94 12.37 -18.46
N ALA B 242 14.66 12.62 -18.17
CA ALA B 242 14.16 12.55 -16.80
C ALA B 242 14.22 11.14 -16.23
N THR B 243 13.88 10.14 -17.04
CA THR B 243 13.90 8.73 -16.60
C THR B 243 15.31 8.27 -16.22
N ALA B 244 16.30 8.60 -17.05
CA ALA B 244 17.68 8.27 -16.72
C ALA B 244 18.06 8.86 -15.37
N TRP B 245 17.76 10.15 -15.16
CA TRP B 245 18.05 10.78 -13.88
C TRP B 245 17.39 10.02 -12.74
N LEU B 246 16.11 9.68 -12.89
CA LEU B 246 15.39 8.99 -11.83
C LEU B 246 16.06 7.64 -11.51
N LYS B 247 16.38 6.86 -12.55
CA LYS B 247 17.02 5.57 -12.33
C LYS B 247 18.37 5.71 -11.64
N SER B 248 19.17 6.71 -12.02
CA SER B 248 20.50 6.89 -11.43
C SER B 248 20.41 7.19 -9.94
N ASN B 249 19.48 8.06 -9.55
CA ASN B 249 19.33 8.49 -8.17
C ASN B 249 18.31 7.63 -7.41
N ASN B 250 17.86 6.52 -8.00
CA ASN B 250 16.96 5.57 -7.36
C ASN B 250 15.76 6.29 -6.75
N LYS B 251 15.05 7.02 -7.61
CA LYS B 251 13.90 7.83 -7.24
C LYS B 251 12.65 7.37 -7.98
N ILE B 252 11.48 7.70 -7.43
CA ILE B 252 10.23 7.42 -8.12
C ILE B 252 9.55 8.75 -8.43
N ALA B 253 8.76 8.73 -9.50
CA ALA B 253 8.12 9.93 -10.01
C ALA B 253 6.69 9.64 -10.43
N ILE B 254 5.94 10.72 -10.67
CA ILE B 254 4.65 10.69 -11.34
C ILE B 254 4.63 11.81 -12.38
N LEU B 255 4.05 11.53 -13.55
CA LEU B 255 3.80 12.55 -14.56
C LEU B 255 2.46 13.22 -14.23
N GLY B 256 2.51 14.32 -13.47
CA GLY B 256 1.31 14.90 -12.88
C GLY B 256 0.46 15.76 -13.81
N GLU B 257 0.98 16.14 -14.97
CA GLU B 257 0.22 16.86 -15.99
C GLU B 257 0.72 16.42 -17.34
N TYR B 258 -0.19 16.13 -18.26
CA TYR B 258 0.16 15.87 -19.65
C TYR B 258 -1.12 15.91 -20.45
N ALA B 259 -1.01 16.19 -21.74
CA ALA B 259 -2.18 16.28 -22.60
C ALA B 259 -1.74 16.40 -24.06
N GLY B 260 -2.62 15.98 -24.96
CA GLY B 260 -2.55 16.35 -26.35
C GLY B 260 -3.94 16.75 -26.83
N ALA B 261 -4.00 17.39 -28.00
CA ALA B 261 -5.27 17.78 -28.58
C ALA B 261 -5.89 16.61 -29.34
N VAL B 262 -7.11 16.79 -29.84
CA VAL B 262 -7.81 15.70 -30.56
C VAL B 262 -7.45 15.84 -32.03
N ASN B 263 -6.29 15.28 -32.38
CA ASN B 263 -5.83 15.18 -33.75
C ASN B 263 -4.86 14.02 -33.79
N SER B 264 -4.59 13.54 -35.02
CA SER B 264 -3.91 12.25 -35.16
C SER B 264 -2.54 12.24 -34.49
N VAL B 265 -1.76 13.33 -34.66
CA VAL B 265 -0.35 13.31 -34.22
C VAL B 265 -0.26 13.31 -32.69
N CYS B 266 -1.04 14.18 -32.04
CA CYS B 266 -1.12 14.21 -30.58
C CYS B 266 -1.54 12.86 -30.01
N GLU B 267 -2.54 12.22 -30.61
CA GLU B 267 -3.00 10.93 -30.10
C GLU B 267 -1.87 9.91 -30.12
N GLU B 268 -1.17 9.81 -31.26
CA GLU B 268 -0.06 8.89 -31.36
C GLU B 268 1.02 9.21 -30.33
N ALA B 269 1.27 10.49 -30.08
CA ALA B 269 2.30 10.91 -29.13
C ALA B 269 1.90 10.60 -27.69
N VAL B 270 0.62 10.81 -27.37
CA VAL B 270 0.11 10.53 -26.03
C VAL B 270 0.21 9.04 -25.73
N GLU B 271 -0.28 8.20 -26.66
CA GLU B 271 -0.22 6.76 -26.46
C GLU B 271 1.22 6.27 -26.34
N GLY B 272 2.10 6.75 -27.21
CA GLY B 272 3.51 6.42 -27.10
C GLY B 272 4.11 6.81 -25.76
N MET B 273 3.73 7.99 -25.25
CA MET B 273 4.20 8.38 -23.92
C MET B 273 3.70 7.44 -22.84
N LEU B 274 2.39 7.17 -22.81
CA LEU B 274 1.88 6.29 -21.78
C LEU B 274 2.44 4.88 -21.94
N ASP B 275 2.70 4.45 -23.17
CA ASP B 275 3.37 3.16 -23.38
C ASP B 275 4.78 3.16 -22.80
N TYR B 276 5.54 4.25 -23.02
CA TYR B 276 6.87 4.39 -22.45
C TYR B 276 6.84 4.34 -20.93
N ILE B 277 5.84 4.96 -20.30
CA ILE B 277 5.72 4.92 -18.85
C ILE B 277 5.56 3.49 -18.36
N ASP B 278 4.72 2.70 -19.03
CA ASP B 278 4.55 1.30 -18.65
C ASP B 278 5.87 0.55 -18.76
N GLU B 279 6.66 0.85 -19.80
CA GLU B 279 7.97 0.24 -19.96
C GLU B 279 8.93 0.67 -18.86
N ASN B 280 8.77 1.86 -18.33
CA ASN B 280 9.66 2.33 -17.29
C ASN B 280 8.91 2.59 -16.00
N SER B 281 7.99 1.68 -15.66
CA SER B 281 7.21 1.80 -14.44
C SER B 281 8.03 1.51 -13.19
N ASP B 282 9.32 1.22 -13.34
CA ASP B 282 10.17 1.13 -12.15
C ASP B 282 10.38 2.51 -11.55
N VAL B 283 10.30 3.57 -12.36
CA VAL B 283 10.45 4.92 -11.83
C VAL B 283 9.22 5.80 -12.04
N TRP B 284 8.36 5.52 -13.02
CA TRP B 284 7.12 6.27 -13.19
C TRP B 284 5.97 5.48 -12.57
N THR B 285 5.36 6.05 -11.54
CA THR B 285 4.25 5.40 -10.86
C THR B 285 2.94 5.61 -11.58
N GLY B 286 2.88 6.55 -12.51
CA GLY B 286 1.67 6.77 -13.28
C GLY B 286 1.68 8.16 -13.92
N ALA B 287 0.52 8.52 -14.45
CA ALA B 287 0.36 9.79 -15.14
C ALA B 287 -1.04 10.31 -14.91
N ILE B 288 -1.17 11.63 -14.93
CA ILE B 288 -2.40 12.32 -14.61
C ILE B 288 -2.68 13.31 -15.73
N TRP B 289 -3.84 13.18 -16.37
CA TRP B 289 -4.19 14.03 -17.50
C TRP B 289 -4.55 15.44 -17.05
N TRP B 290 -4.20 16.44 -17.87
CA TRP B 290 -4.65 17.81 -17.66
C TRP B 290 -5.57 18.21 -18.81
N ALA B 291 -6.87 18.39 -18.56
CA ALA B 291 -7.48 18.37 -17.23
C ALA B 291 -8.98 18.11 -17.34
N ALA B 292 -9.60 17.73 -16.22
CA ALA B 292 -11.04 17.73 -16.05
C ALA B 292 -11.41 18.91 -15.13
N GLY B 293 -12.69 19.01 -14.78
CA GLY B 293 -13.19 20.19 -14.11
C GLY B 293 -14.33 20.78 -14.88
N PRO B 294 -15.25 21.47 -14.19
CA PRO B 294 -16.56 21.80 -14.77
C PRO B 294 -16.65 23.11 -15.54
N TRP B 295 -15.60 23.94 -15.51
CA TRP B 295 -15.65 25.28 -16.09
C TRP B 295 -14.72 25.43 -17.29
N TRP B 296 -14.50 24.37 -18.05
CA TRP B 296 -13.57 24.40 -19.18
C TRP B 296 -14.25 24.70 -20.50
N GLY B 297 -15.54 24.41 -20.63
CA GLY B 297 -16.19 24.61 -21.91
C GLY B 297 -15.47 23.84 -23.00
N ASP B 298 -15.19 24.54 -24.10
CA ASP B 298 -14.58 23.93 -25.28
C ASP B 298 -13.06 23.87 -25.21
N TYR B 299 -12.48 24.02 -24.03
CA TYR B 299 -11.04 23.88 -23.84
C TYR B 299 -10.53 22.63 -24.54
N MET B 300 -9.47 22.81 -25.32
CA MET B 300 -8.96 21.75 -26.21
C MET B 300 -8.47 20.50 -25.47
N PHE B 301 -8.06 20.61 -24.20
CA PHE B 301 -7.63 19.45 -23.43
C PHE B 301 -8.67 18.94 -22.43
N SER B 302 -9.85 19.54 -22.38
CA SER B 302 -10.83 19.18 -21.37
C SER B 302 -11.33 17.75 -21.58
N VAL B 303 -11.14 16.91 -20.56
CA VAL B 303 -11.72 15.59 -20.53
C VAL B 303 -12.94 15.53 -19.61
N GLU B 304 -13.48 16.69 -19.20
CA GLU B 304 -14.70 16.68 -18.41
C GLU B 304 -15.78 15.95 -19.20
N PRO B 305 -16.43 14.94 -18.63
CA PRO B 305 -17.27 14.04 -19.46
C PRO B 305 -18.37 14.70 -20.28
N ASP B 306 -19.10 15.71 -19.75
CA ASP B 306 -20.30 16.13 -20.48
C ASP B 306 -20.03 17.12 -21.61
N ASN B 307 -19.00 17.95 -21.52
CA ASN B 307 -18.74 18.85 -22.63
C ASN B 307 -17.25 18.91 -23.00
N GLY B 308 -16.46 17.95 -22.57
CA GLY B 308 -15.05 18.00 -22.84
C GLY B 308 -14.72 17.48 -24.22
N PRO B 309 -14.20 18.35 -25.09
CA PRO B 309 -13.87 17.89 -26.45
C PRO B 309 -12.87 16.74 -26.47
N ALA B 310 -11.95 16.66 -25.51
CA ALA B 310 -10.97 15.58 -25.51
C ALA B 310 -11.47 14.31 -24.82
N TYR B 311 -12.67 14.33 -24.26
CA TYR B 311 -13.09 13.20 -23.44
C TYR B 311 -13.23 11.92 -24.27
N SER B 312 -14.00 11.98 -25.37
CA SER B 312 -14.26 10.77 -26.13
C SER B 312 -12.97 10.13 -26.61
N THR B 313 -11.97 10.93 -26.97
CA THR B 313 -10.72 10.43 -27.48
C THR B 313 -9.83 9.84 -26.39
N TYR B 314 -9.62 10.59 -25.31
CA TYR B 314 -8.55 10.28 -24.38
C TYR B 314 -9.03 9.56 -23.12
N ASP B 315 -10.32 9.59 -22.81
CA ASP B 315 -10.81 8.73 -21.73
C ASP B 315 -10.52 7.25 -21.99
N PRO B 316 -10.77 6.69 -23.18
CA PRO B 316 -10.36 5.29 -23.44
C PRO B 316 -8.85 5.07 -23.45
N ILE B 317 -8.07 6.04 -23.94
CA ILE B 317 -6.62 5.92 -23.93
C ILE B 317 -6.08 5.83 -22.49
N ILE B 318 -6.55 6.73 -21.62
CA ILE B 318 -6.14 6.68 -20.21
C ILE B 318 -6.44 5.31 -19.61
N LEU B 319 -7.65 4.81 -19.85
CA LEU B 319 -8.23 3.69 -19.12
C LEU B 319 -7.59 2.34 -19.44
C1 NAG C . 21.95 -19.09 8.99
C2 NAG C . 22.75 -20.38 9.25
C3 NAG C . 23.87 -20.53 8.22
C4 NAG C . 23.32 -20.37 6.80
C5 NAG C . 22.59 -19.05 6.70
C6 NAG C . 21.95 -18.82 5.36
C7 NAG C . 22.85 -21.22 11.56
C8 NAG C . 23.50 -21.06 12.90
N2 NAG C . 23.28 -20.39 10.60
O3 NAG C . 24.42 -21.84 8.36
O4 NAG C . 24.35 -20.47 5.83
O5 NAG C . 21.53 -19.06 7.65
O6 NAG C . 21.02 -19.84 5.04
O7 NAG C . 21.98 -22.07 11.35
C1 NAG D . 17.20 -13.63 22.95
C2 NAG D . 17.23 -14.75 23.98
C3 NAG D . 18.61 -14.83 24.64
C4 NAG D . 19.67 -15.01 23.57
C5 NAG D . 19.56 -13.88 22.53
C6 NAG D . 20.51 -14.04 21.37
C7 NAG D . 14.92 -14.85 24.76
C8 NAG D . 13.98 -14.62 25.91
N2 NAG D . 16.19 -14.55 24.98
O3 NAG D . 18.65 -15.91 25.56
O4 NAG D . 20.95 -14.95 24.18
O5 NAG D . 18.24 -13.84 21.98
O6 NAG D . 20.62 -12.83 20.65
O7 NAG D . 14.54 -15.29 23.67
C1 NAG E . -7.93 -36.06 -6.17
C2 NAG E . -8.75 -35.98 -7.45
C3 NAG E . -9.91 -35.02 -7.28
C4 NAG E . -10.75 -35.46 -6.07
C5 NAG E . -9.87 -35.60 -4.84
C6 NAG E . -10.62 -36.16 -3.65
C7 NAG E . -7.55 -36.44 -9.55
C8 NAG E . -6.70 -35.87 -10.65
N2 NAG E . -7.91 -35.58 -8.58
O3 NAG E . -10.72 -34.95 -8.45
O4 NAG E . -11.80 -34.51 -5.83
O5 NAG E . -8.79 -36.50 -5.10
O6 NAG E . -11.75 -36.89 -4.08
O7 NAG E . -7.92 -37.62 -9.54
C1 NAG F . -21.64 16.60 -13.57
C2 NAG F . -22.33 17.48 -14.63
C3 NAG F . -23.29 16.64 -15.48
C4 NAG F . -22.64 15.36 -15.99
C5 NAG F . -22.09 14.60 -14.80
C6 NAG F . -21.41 13.31 -15.16
C7 NAG F . -22.81 19.84 -14.20
C8 NAG F . -23.63 20.80 -13.41
N2 NAG F . -23.04 18.55 -13.97
O3 NAG F . -23.67 17.44 -16.60
O4 NAG F . -23.56 14.55 -16.71
O5 NAG F . -21.11 15.43 -14.17
O6 NAG F . -20.29 13.53 -16.02
O7 NAG F . -21.98 20.22 -15.02
C1 NAG G . 10.38 14.60 -32.84
C2 NAG G . 11.20 13.44 -33.39
C3 NAG G . 12.27 13.04 -32.39
C4 NAG G . 13.14 14.25 -32.08
C5 NAG G . 12.28 15.40 -31.58
C6 NAG G . 13.07 16.67 -31.38
C7 NAG G . 10.10 12.00 -35.03
C8 NAG G . 9.21 10.83 -35.24
N2 NAG G . 10.37 12.31 -33.76
O3 NAG G . 13.02 11.95 -32.89
O4 NAG G . 14.14 13.93 -31.12
O5 NAG G . 11.25 15.71 -32.54
O6 NAG G . 12.70 17.66 -32.35
O7 NAG G . 10.57 12.64 -35.98
C1 NAG H . -18.68 25.77 -1.21
C2 NAG H . -18.70 27.23 -1.60
C3 NAG H . -20.11 27.79 -1.50
C4 NAG H . -21.06 26.92 -2.32
C5 NAG H . -20.93 25.46 -1.92
C6 NAG H . -21.75 24.53 -2.80
C7 NAG H . -16.51 28.21 -1.07
C8 NAG H . -15.72 29.04 -0.11
N2 NAG H . -17.79 28.01 -0.75
O3 NAG H . -20.07 29.11 -2.00
O4 NAG H . -22.40 27.32 -2.09
O5 NAG H . -19.56 25.05 -2.05
O6 NAG H . -21.78 23.21 -2.27
O7 NAG H . -16.02 27.75 -2.10
#